data_8VXU
#
_entry.id   8VXU
#
_cell.length_a   50.132
_cell.length_b   74.873
_cell.length_c   108.252
_cell.angle_alpha   93.27
_cell.angle_beta   89.93
_cell.angle_gamma   109.51
#
_symmetry.space_group_name_H-M   'P 1'
#
loop_
_entity.id
_entity.type
_entity.pdbx_description
1 polymer 'Multidrug resistance protein, SMR family'
2 polymer 'L10 Monobody'
3 non-polymer CETYL-TRIMETHYL-AMMONIUM
#
loop_
_entity_poly.entity_id
_entity_poly.type
_entity_poly.pdbx_seq_one_letter_code
_entity_poly.pdbx_strand_id
1 'polypeptide(L)'
;MAWLILIIAGIFEVVWAIALKYSNGFTRLIPSMITLIGMLISFYLLSQATKTLPIGTAYTIWTGIGALGAVICGIIFFKE
PLTALRIVFMILLLTGIIGLKATSSGGTAK
;
A,B,C,D
2 'polypeptide(L)'
;SSVPTKLEVVAATPTSLLISWDAGHWWEWVTYYRITYGETGGNSPVQEFTVPGYSSTATISGLKPGVDYTITVYAPTSDY
GSPISINYRT
;
E,F,H,G
#
loop_
_chem_comp.id
_chem_comp.type
_chem_comp.name
_chem_comp.formula
16A non-polymer CETYL-TRIMETHYL-AMMONIUM 'C19 H42 N 1'
#
# COMPACT_ATOMS: atom_id res chain seq x y z
N ALA A 2 -27.70 -1.80 14.96
CA ALA A 2 -27.05 -3.00 14.42
C ALA A 2 -25.54 -2.82 14.42
N TRP A 3 -25.06 -1.70 14.95
CA TRP A 3 -23.62 -1.47 15.01
C TRP A 3 -22.94 -2.50 15.90
N LEU A 4 -23.41 -2.65 17.14
CA LEU A 4 -22.75 -3.56 18.06
C LEU A 4 -23.00 -5.03 17.68
N ILE A 5 -24.12 -5.31 17.02
CA ILE A 5 -24.30 -6.67 16.52
C ILE A 5 -23.25 -6.99 15.46
N LEU A 6 -22.82 -5.99 14.69
CA LEU A 6 -21.74 -6.19 13.73
C LEU A 6 -20.39 -6.31 14.43
N ILE A 7 -20.17 -5.51 15.47
CA ILE A 7 -18.95 -5.64 16.27
C ILE A 7 -18.84 -7.06 16.82
N ILE A 8 -19.96 -7.60 17.31
CA ILE A 8 -19.98 -8.96 17.83
C ILE A 8 -19.78 -9.98 16.71
N ALA A 9 -20.35 -9.71 15.53
CA ALA A 9 -20.14 -10.57 14.37
C ALA A 9 -18.67 -10.64 13.98
N GLY A 10 -17.89 -9.60 14.28
CA GLY A 10 -16.46 -9.65 14.03
C GLY A 10 -15.66 -10.32 15.15
N ILE A 11 -16.06 -10.03 16.39
CA ILE A 11 -15.44 -10.70 17.54
C ILE A 11 -15.56 -12.21 17.40
N PHE A 12 -16.73 -12.70 16.95
CA PHE A 12 -16.89 -14.14 16.81
C PHE A 12 -16.07 -14.70 15.65
N GLU A 13 -15.80 -13.87 14.64
CA GLU A 13 -14.85 -14.27 13.61
C GLU A 13 -13.49 -14.56 14.21
N VAL A 14 -12.99 -13.62 15.02
CA VAL A 14 -11.72 -13.85 15.71
C VAL A 14 -11.82 -15.09 16.62
N VAL A 15 -12.99 -15.29 17.23
CA VAL A 15 -13.21 -16.43 18.12
C VAL A 15 -12.97 -17.73 17.38
N TRP A 16 -13.66 -17.92 16.24
CA TRP A 16 -13.49 -19.18 15.54
C TRP A 16 -12.12 -19.29 14.89
N ALA A 17 -11.43 -18.17 14.62
CA ALA A 17 -10.04 -18.27 14.20
C ALA A 17 -9.19 -18.95 15.26
N ILE A 18 -9.24 -18.41 16.48
CA ILE A 18 -8.43 -18.98 17.57
C ILE A 18 -8.83 -20.42 17.84
N ALA A 19 -10.13 -20.70 17.85
CA ALA A 19 -10.59 -22.06 18.08
C ALA A 19 -10.10 -23.02 17.01
N LEU A 20 -10.13 -22.59 15.74
CA LEU A 20 -9.64 -23.43 14.66
C LEU A 20 -8.15 -23.73 14.84
N LYS A 21 -7.36 -22.74 15.24
CA LYS A 21 -5.96 -23.05 15.52
C LYS A 21 -5.84 -24.05 16.67
N TYR A 22 -6.74 -23.96 17.65
CA TYR A 22 -6.71 -24.90 18.76
C TYR A 22 -7.20 -26.29 18.39
N SER A 23 -7.90 -26.46 17.27
CA SER A 23 -8.50 -27.75 16.93
C SER A 23 -7.55 -28.73 16.27
N ASN A 24 -6.40 -28.27 15.79
CA ASN A 24 -5.38 -29.13 15.18
C ASN A 24 -5.97 -29.98 14.05
N GLY A 25 -6.46 -29.30 13.02
CA GLY A 25 -7.01 -29.99 11.86
C GLY A 25 -8.40 -30.57 12.06
N PHE A 26 -9.25 -29.87 12.82
CA PHE A 26 -10.62 -30.33 13.11
C PHE A 26 -10.60 -31.72 13.74
N THR A 27 -9.71 -31.90 14.71
CA THR A 27 -9.58 -33.18 15.42
C THR A 27 -9.91 -33.06 16.90
N ARG A 28 -9.52 -31.96 17.55
CA ARG A 28 -9.83 -31.78 18.97
C ARG A 28 -11.28 -31.29 19.09
N LEU A 29 -12.13 -32.15 19.65
CA LEU A 29 -13.49 -31.74 19.95
C LEU A 29 -13.49 -30.60 20.94
N ILE A 30 -14.39 -29.64 20.71
CA ILE A 30 -14.62 -28.37 21.43
C ILE A 30 -13.95 -27.23 20.67
N PRO A 31 -12.63 -27.21 20.44
CA PRO A 31 -12.11 -26.19 19.51
C PRO A 31 -12.71 -26.32 18.12
N SER A 32 -12.93 -27.56 17.65
CA SER A 32 -13.68 -27.75 16.42
C SER A 32 -15.12 -27.29 16.59
N MET A 33 -15.74 -27.64 17.73
CA MET A 33 -17.12 -27.24 17.98
C MET A 33 -17.23 -25.73 18.18
N ILE A 34 -16.31 -25.12 18.93
CA ILE A 34 -16.32 -23.67 19.06
C ILE A 34 -16.10 -23.01 17.71
N THR A 35 -15.21 -23.59 16.89
CA THR A 35 -14.99 -23.07 15.54
C THR A 35 -16.28 -23.08 14.73
N LEU A 36 -17.00 -24.20 14.76
CA LEU A 36 -18.24 -24.30 13.99
C LEU A 36 -19.29 -23.34 14.50
N ILE A 37 -19.47 -23.27 15.82
CA ILE A 37 -20.57 -22.47 16.36
C ILE A 37 -20.26 -20.97 16.30
N GLY A 38 -18.99 -20.57 16.28
CA GLY A 38 -18.66 -19.18 16.19
C GLY A 38 -18.71 -18.60 14.80
N MET A 39 -19.18 -19.36 13.81
CA MET A 39 -19.24 -18.94 12.42
C MET A 39 -20.65 -18.58 11.98
N LEU A 40 -21.63 -19.45 12.25
CA LEU A 40 -22.99 -19.08 11.90
C LEU A 40 -23.50 -17.93 12.76
N ILE A 41 -22.99 -17.81 13.99
CA ILE A 41 -23.23 -16.60 14.78
C ILE A 41 -22.77 -15.38 13.98
N SER A 42 -21.53 -15.41 13.49
CA SER A 42 -21.02 -14.27 12.74
C SER A 42 -21.85 -13.98 11.50
N PHE A 43 -22.20 -15.03 10.73
CA PHE A 43 -22.93 -14.77 9.48
C PHE A 43 -24.36 -14.31 9.75
N TYR A 44 -25.03 -14.89 10.74
CA TYR A 44 -26.39 -14.47 11.03
C TYR A 44 -26.43 -13.07 11.61
N LEU A 45 -25.49 -12.74 12.50
CA LEU A 45 -25.37 -11.39 13.01
C LEU A 45 -25.04 -10.40 11.89
N LEU A 46 -24.24 -10.83 10.91
CA LEU A 46 -23.93 -9.98 9.77
C LEU A 46 -25.13 -9.83 8.85
N SER A 47 -25.95 -10.87 8.71
CA SER A 47 -27.16 -10.71 7.92
C SER A 47 -28.11 -9.74 8.60
N GLN A 48 -28.21 -9.79 9.92
CA GLN A 48 -29.05 -8.83 10.64
C GLN A 48 -28.47 -7.42 10.62
N ALA A 49 -27.14 -7.29 10.56
CA ALA A 49 -26.52 -5.97 10.49
C ALA A 49 -26.62 -5.37 9.10
N THR A 50 -26.31 -6.16 8.08
CA THR A 50 -26.51 -5.80 6.68
C THR A 50 -27.99 -5.61 6.36
N LYS A 51 -28.87 -6.17 7.19
CA LYS A 51 -30.29 -5.86 7.08
C LYS A 51 -30.57 -4.41 7.43
N THR A 52 -29.71 -3.81 8.25
CA THR A 52 -29.83 -2.41 8.64
C THR A 52 -28.76 -1.53 8.01
N LEU A 53 -27.51 -1.93 8.10
CA LEU A 53 -26.36 -1.14 7.72
C LEU A 53 -26.06 -1.32 6.23
N PRO A 54 -25.37 -0.35 5.63
CA PRO A 54 -24.96 -0.51 4.22
C PRO A 54 -24.08 -1.74 4.07
N ILE A 55 -24.47 -2.60 3.13
CA ILE A 55 -23.74 -3.86 2.90
C ILE A 55 -22.25 -3.59 2.78
N GLY A 56 -21.88 -2.53 2.07
CA GLY A 56 -20.51 -2.10 1.96
C GLY A 56 -19.83 -1.91 3.30
N THR A 57 -20.17 -0.83 4.01
CA THR A 57 -19.51 -0.51 5.27
C THR A 57 -19.65 -1.62 6.28
N ALA A 58 -20.81 -2.28 6.34
CA ALA A 58 -20.98 -3.41 7.24
C ALA A 58 -19.93 -4.48 6.97
N TYR A 59 -19.82 -4.95 5.73
CA TYR A 59 -18.84 -5.98 5.40
C TYR A 59 -17.43 -5.49 5.66
N THR A 60 -17.13 -4.24 5.33
CA THR A 60 -15.78 -3.72 5.52
C THR A 60 -15.39 -3.77 6.99
N ILE A 61 -16.23 -3.24 7.87
CA ILE A 61 -15.89 -3.23 9.29
C ILE A 61 -15.82 -4.66 9.83
N TRP A 62 -16.75 -5.53 9.40
CA TRP A 62 -16.75 -6.93 9.81
C TRP A 62 -15.39 -7.58 9.52
N THR A 63 -14.97 -7.57 8.26
CA THR A 63 -13.74 -8.26 7.91
C THR A 63 -12.51 -7.54 8.44
N GLY A 64 -12.56 -6.21 8.60
CA GLY A 64 -11.44 -5.51 9.22
C GLY A 64 -11.19 -6.00 10.64
N ILE A 65 -12.25 -6.02 11.47
CA ILE A 65 -12.09 -6.55 12.81
C ILE A 65 -11.60 -7.99 12.76
N GLY A 66 -12.21 -8.80 11.88
CA GLY A 66 -11.78 -10.19 11.73
C GLY A 66 -10.28 -10.35 11.53
N ALA A 67 -9.76 -9.69 10.50
CA ALA A 67 -8.35 -9.84 10.14
C ALA A 67 -7.44 -9.28 11.23
N LEU A 68 -7.66 -8.03 11.64
CA LEU A 68 -6.77 -7.42 12.60
C LEU A 68 -6.78 -8.17 13.93
N GLY A 69 -7.95 -8.65 14.35
CA GLY A 69 -8.04 -9.39 15.60
C GLY A 69 -7.38 -10.75 15.51
N ALA A 70 -7.51 -11.43 14.36
CA ALA A 70 -6.74 -12.64 14.17
C ALA A 70 -5.26 -12.38 14.36
N VAL A 71 -4.74 -11.33 13.72
CA VAL A 71 -3.34 -10.95 13.89
C VAL A 71 -2.99 -10.80 15.37
N ILE A 72 -3.71 -9.91 16.06
CA ILE A 72 -3.37 -9.56 17.44
C ILE A 72 -3.49 -10.77 18.36
N CYS A 73 -4.64 -11.43 18.35
CA CYS A 73 -4.83 -12.59 19.23
C CYS A 73 -3.86 -13.72 18.89
N GLY A 74 -3.39 -13.78 17.65
CA GLY A 74 -2.39 -14.77 17.30
C GLY A 74 -1.04 -14.47 17.94
N ILE A 75 -0.63 -13.20 17.94
CA ILE A 75 0.68 -12.88 18.50
C ILE A 75 0.65 -13.06 20.02
N ILE A 76 -0.48 -13.50 20.57
CA ILE A 76 -0.66 -13.66 22.01
C ILE A 76 -0.87 -15.12 22.39
N PHE A 77 -1.93 -15.74 21.88
CA PHE A 77 -2.28 -17.09 22.32
C PHE A 77 -1.25 -18.11 21.86
N PHE A 78 -0.69 -17.92 20.66
CA PHE A 78 0.29 -18.85 20.11
C PHE A 78 1.65 -18.20 19.92
N LYS A 79 1.89 -17.07 20.60
CA LYS A 79 3.19 -16.40 20.60
C LYS A 79 3.70 -16.14 19.20
N GLU A 80 2.79 -15.74 18.31
CA GLU A 80 3.13 -15.50 16.92
C GLU A 80 4.01 -14.25 16.79
N PRO A 81 4.79 -14.15 15.70
CA PRO A 81 5.86 -13.14 15.65
C PRO A 81 5.37 -11.69 15.70
N LEU A 82 6.34 -10.77 15.70
CA LEU A 82 6.05 -9.35 15.80
C LEU A 82 7.18 -8.56 15.17
N THR A 83 7.59 -8.98 13.97
CA THR A 83 8.68 -8.32 13.27
C THR A 83 8.23 -6.98 12.71
N ALA A 84 9.18 -6.05 12.57
CA ALA A 84 8.89 -4.80 11.88
C ALA A 84 8.56 -5.04 10.42
N LEU A 85 8.99 -6.16 9.85
CA LEU A 85 8.67 -6.51 8.48
C LEU A 85 7.28 -7.11 8.35
N ARG A 86 6.95 -8.05 9.25
CA ARG A 86 5.66 -8.72 9.18
C ARG A 86 4.53 -7.74 9.47
N ILE A 87 4.73 -6.81 10.40
CA ILE A 87 3.69 -5.82 10.65
C ILE A 87 3.49 -4.92 9.43
N VAL A 88 4.57 -4.62 8.71
CA VAL A 88 4.47 -3.80 7.50
C VAL A 88 3.65 -4.52 6.44
N PHE A 89 4.00 -5.77 6.15
CA PHE A 89 3.28 -6.49 5.10
C PHE A 89 1.85 -6.80 5.54
N MET A 90 1.63 -7.00 6.83
CA MET A 90 0.26 -7.21 7.32
C MET A 90 -0.56 -5.95 7.22
N ILE A 91 0.05 -4.78 7.48
CA ILE A 91 -0.64 -3.51 7.27
C ILE A 91 -1.01 -3.35 5.81
N LEU A 92 -0.07 -3.66 4.91
CA LEU A 92 -0.38 -3.61 3.48
C LEU A 92 -1.57 -4.49 3.13
N LEU A 93 -1.56 -5.75 3.60
CA LEU A 93 -2.64 -6.68 3.28
C LEU A 93 -3.97 -6.21 3.87
N LEU A 94 -3.97 -5.74 5.13
CA LEU A 94 -5.22 -5.35 5.77
C LEU A 94 -5.81 -4.13 5.09
N THR A 95 -4.98 -3.13 4.77
CA THR A 95 -5.50 -1.97 4.06
C THR A 95 -5.97 -2.33 2.67
N GLY A 96 -5.29 -3.26 2.00
CA GLY A 96 -5.75 -3.71 0.70
C GLY A 96 -7.13 -4.33 0.76
N ILE A 97 -7.34 -5.24 1.72
CA ILE A 97 -8.63 -5.91 1.85
C ILE A 97 -9.72 -4.89 2.20
N ILE A 98 -9.47 -4.06 3.22
CA ILE A 98 -10.44 -3.08 3.65
C ILE A 98 -10.79 -2.13 2.51
N GLY A 99 -9.79 -1.71 1.73
CA GLY A 99 -10.05 -0.79 0.65
C GLY A 99 -10.84 -1.42 -0.48
N LEU A 100 -10.44 -2.63 -0.91
CA LEU A 100 -11.20 -3.32 -1.94
C LEU A 100 -12.64 -3.55 -1.51
N LYS A 101 -12.88 -3.75 -0.21
CA LYS A 101 -14.25 -3.94 0.24
C LYS A 101 -15.01 -2.63 0.32
N ALA A 102 -14.32 -1.52 0.61
CA ALA A 102 -15.02 -0.24 0.76
C ALA A 102 -15.51 0.35 -0.56
N THR A 103 -15.17 -0.26 -1.70
CA THR A 103 -15.44 0.34 -3.00
C THR A 103 -16.70 -0.19 -3.68
N SER A 104 -16.95 -1.49 -3.62
CA SER A 104 -18.10 -2.07 -4.32
C SER A 104 -19.42 -1.63 -3.69
N MET B 1 4.62 -25.51 1.42
CA MET B 1 3.61 -26.53 1.15
C MET B 1 2.29 -26.18 1.83
N ALA B 2 2.36 -25.82 3.11
CA ALA B 2 1.18 -25.30 3.79
C ALA B 2 0.68 -24.03 3.11
N TRP B 3 1.57 -23.30 2.45
CA TRP B 3 1.17 -22.12 1.70
C TRP B 3 0.39 -22.49 0.45
N LEU B 4 0.79 -23.55 -0.24
CA LEU B 4 0.00 -24.07 -1.35
C LEU B 4 -1.42 -24.42 -0.89
N ILE B 5 -1.52 -25.12 0.25
CA ILE B 5 -2.81 -25.43 0.84
C ILE B 5 -3.60 -24.17 1.12
N LEU B 6 -2.93 -23.14 1.66
CA LEU B 6 -3.62 -21.89 1.98
C LEU B 6 -4.19 -21.24 0.72
N ILE B 7 -3.40 -21.19 -0.36
CA ILE B 7 -3.88 -20.56 -1.59
C ILE B 7 -5.07 -21.33 -2.15
N ILE B 8 -5.01 -22.66 -2.10
CA ILE B 8 -6.12 -23.46 -2.63
C ILE B 8 -7.38 -23.24 -1.81
N ALA B 9 -7.24 -23.16 -0.48
CA ALA B 9 -8.39 -22.86 0.37
C ALA B 9 -8.97 -21.49 0.03
N GLY B 10 -8.10 -20.50 -0.19
CA GLY B 10 -8.57 -19.18 -0.58
C GLY B 10 -9.30 -19.18 -1.91
N ILE B 11 -8.93 -20.09 -2.81
CA ILE B 11 -9.66 -20.25 -4.06
C ILE B 11 -11.08 -20.76 -3.80
N PHE B 12 -11.18 -21.88 -3.07
CA PHE B 12 -12.49 -22.44 -2.78
C PHE B 12 -13.37 -21.43 -2.04
N GLU B 13 -12.75 -20.54 -1.25
CA GLU B 13 -13.49 -19.44 -0.62
C GLU B 13 -14.33 -18.68 -1.63
N VAL B 14 -13.70 -18.13 -2.67
CA VAL B 14 -14.45 -17.34 -3.64
C VAL B 14 -15.41 -18.22 -4.43
N VAL B 15 -15.05 -19.48 -4.71
CA VAL B 15 -15.98 -20.30 -5.48
C VAL B 15 -17.29 -20.48 -4.71
N TRP B 16 -17.23 -20.74 -3.40
CA TRP B 16 -18.49 -20.90 -2.69
C TRP B 16 -19.14 -19.55 -2.42
N ALA B 17 -18.37 -18.47 -2.28
CA ALA B 17 -18.95 -17.15 -2.08
C ALA B 17 -19.82 -16.76 -3.27
N ILE B 18 -19.40 -17.09 -4.48
CA ILE B 18 -20.20 -16.70 -5.63
C ILE B 18 -21.30 -17.72 -5.95
N ALA B 19 -21.05 -19.02 -5.73
CA ALA B 19 -22.13 -19.98 -5.89
C ALA B 19 -23.23 -19.79 -4.85
N LEU B 20 -22.93 -19.13 -3.72
CA LEU B 20 -23.96 -18.87 -2.72
C LEU B 20 -24.96 -17.85 -3.22
N LYS B 21 -24.50 -16.83 -3.95
CA LYS B 21 -25.43 -15.87 -4.52
C LYS B 21 -26.06 -16.40 -5.79
N TYR B 22 -25.39 -17.31 -6.51
CA TYR B 22 -26.06 -17.92 -7.66
C TYR B 22 -27.13 -18.90 -7.21
N SER B 23 -26.88 -19.66 -6.15
CA SER B 23 -27.97 -20.33 -5.45
C SER B 23 -28.87 -19.27 -4.83
N ASN B 24 -30.18 -19.52 -4.85
CA ASN B 24 -31.09 -18.59 -4.18
C ASN B 24 -31.05 -18.84 -2.68
N GLY B 25 -32.21 -18.91 -2.03
CA GLY B 25 -32.25 -19.18 -0.61
C GLY B 25 -31.77 -20.57 -0.26
N PHE B 26 -30.57 -20.93 -0.71
CA PHE B 26 -30.04 -22.29 -0.62
C PHE B 26 -31.04 -23.28 -1.23
N THR B 27 -31.57 -22.91 -2.40
CA THR B 27 -32.65 -23.65 -3.04
C THR B 27 -32.24 -24.33 -4.34
N ARG B 28 -31.41 -23.69 -5.16
CA ARG B 28 -30.96 -24.32 -6.40
C ARG B 28 -29.98 -25.43 -6.08
N LEU B 29 -30.21 -26.62 -6.64
CA LEU B 29 -29.48 -27.80 -6.22
C LEU B 29 -28.00 -27.72 -6.59
N ILE B 30 -27.71 -27.50 -7.88
CA ILE B 30 -26.31 -27.48 -8.32
C ILE B 30 -25.49 -26.41 -7.59
N PRO B 31 -25.93 -25.14 -7.53
CA PRO B 31 -25.15 -24.16 -6.78
C PRO B 31 -25.10 -24.43 -5.28
N SER B 32 -26.16 -24.99 -4.69
CA SER B 32 -26.11 -25.28 -3.26
C SER B 32 -25.10 -26.37 -2.97
N MET B 33 -25.06 -27.42 -3.79
CA MET B 33 -24.05 -28.46 -3.64
C MET B 33 -22.65 -27.89 -3.86
N ILE B 34 -22.50 -27.01 -4.85
CA ILE B 34 -21.20 -26.37 -5.05
C ILE B 34 -20.78 -25.59 -3.83
N THR B 35 -21.71 -24.85 -3.23
CA THR B 35 -21.41 -24.06 -2.03
C THR B 35 -21.02 -24.96 -0.86
N LEU B 36 -21.78 -26.04 -0.64
CA LEU B 36 -21.52 -26.88 0.51
C LEU B 36 -20.19 -27.61 0.35
N ILE B 37 -19.94 -28.18 -0.83
CA ILE B 37 -18.67 -28.83 -1.11
C ILE B 37 -17.52 -27.83 -0.96
N GLY B 38 -17.70 -26.61 -1.49
CA GLY B 38 -16.65 -25.62 -1.39
C GLY B 38 -16.37 -25.19 0.02
N MET B 39 -17.43 -25.01 0.82
CA MET B 39 -17.25 -24.64 2.22
C MET B 39 -16.50 -25.73 2.97
N LEU B 40 -16.92 -27.00 2.81
CA LEU B 40 -16.24 -28.08 3.50
C LEU B 40 -14.78 -28.16 3.10
N ILE B 41 -14.50 -28.15 1.79
CA ILE B 41 -13.13 -28.24 1.30
C ILE B 41 -12.29 -27.07 1.82
N SER B 42 -12.83 -25.85 1.72
CA SER B 42 -12.09 -24.66 2.10
C SER B 42 -11.75 -24.67 3.58
N PHE B 43 -12.75 -24.93 4.44
CA PHE B 43 -12.49 -24.95 5.87
C PHE B 43 -11.51 -26.05 6.25
N TYR B 44 -11.63 -27.22 5.61
CA TYR B 44 -10.70 -28.31 5.91
C TYR B 44 -9.27 -27.92 5.56
N LEU B 45 -9.06 -27.36 4.36
CA LEU B 45 -7.72 -26.96 3.98
C LEU B 45 -7.21 -25.85 4.88
N LEU B 46 -8.09 -24.93 5.32
CA LEU B 46 -7.68 -23.87 6.22
C LEU B 46 -7.20 -24.43 7.54
N SER B 47 -7.90 -25.43 8.09
CA SER B 47 -7.47 -26.04 9.34
C SER B 47 -6.12 -26.73 9.16
N GLN B 48 -5.98 -27.55 8.11
CA GLN B 48 -4.71 -28.22 7.87
C GLN B 48 -3.57 -27.23 7.69
N ALA B 49 -3.86 -26.03 7.14
CA ALA B 49 -2.82 -25.02 7.00
C ALA B 49 -2.47 -24.40 8.34
N THR B 50 -3.49 -24.02 9.14
CA THR B 50 -3.24 -23.39 10.42
C THR B 50 -2.53 -24.32 11.39
N LYS B 51 -2.55 -25.62 11.15
CA LYS B 51 -1.77 -26.53 11.99
C LYS B 51 -0.30 -26.13 12.02
N THR B 52 0.31 -25.87 10.86
CA THR B 52 1.72 -25.52 10.81
C THR B 52 1.97 -24.04 10.54
N LEU B 53 0.93 -23.27 10.27
CA LEU B 53 1.02 -21.84 10.02
C LEU B 53 0.37 -21.05 11.15
N PRO B 54 0.85 -19.84 11.44
CA PRO B 54 0.22 -19.02 12.47
C PRO B 54 -1.20 -18.63 12.07
N ILE B 55 -2.06 -18.50 13.08
CA ILE B 55 -3.46 -18.19 12.81
C ILE B 55 -3.61 -16.78 12.27
N GLY B 56 -2.83 -15.83 12.80
CA GLY B 56 -2.96 -14.45 12.38
C GLY B 56 -2.56 -14.21 10.93
N THR B 57 -1.60 -14.98 10.44
CA THR B 57 -1.20 -14.86 9.03
C THR B 57 -2.12 -15.67 8.14
N ALA B 58 -2.41 -16.92 8.53
CA ALA B 58 -3.24 -17.78 7.71
C ALA B 58 -4.62 -17.18 7.49
N TYR B 59 -5.27 -16.70 8.57
CA TYR B 59 -6.61 -16.14 8.42
C TYR B 59 -6.62 -14.96 7.46
N THR B 60 -5.72 -13.99 7.66
CA THR B 60 -5.76 -12.79 6.85
C THR B 60 -5.37 -13.07 5.40
N ILE B 61 -4.44 -14.01 5.17
CA ILE B 61 -4.09 -14.32 3.79
C ILE B 61 -5.23 -15.07 3.11
N TRP B 62 -5.94 -15.92 3.86
CA TRP B 62 -7.10 -16.60 3.32
C TRP B 62 -8.19 -15.58 2.94
N THR B 63 -8.47 -14.64 3.84
CA THR B 63 -9.41 -13.56 3.56
C THR B 63 -8.98 -12.73 2.35
N GLY B 64 -7.68 -12.46 2.24
CA GLY B 64 -7.20 -11.67 1.12
C GLY B 64 -7.36 -12.39 -0.20
N ILE B 65 -7.01 -13.68 -0.24
CA ILE B 65 -7.23 -14.45 -1.46
C ILE B 65 -8.71 -14.46 -1.81
N GLY B 66 -9.58 -14.65 -0.81
CA GLY B 66 -11.00 -14.67 -1.07
C GLY B 66 -11.52 -13.38 -1.65
N ALA B 67 -11.18 -12.25 -1.00
CA ALA B 67 -11.68 -10.96 -1.48
C ALA B 67 -11.05 -10.57 -2.81
N LEU B 68 -9.77 -10.90 -3.00
CA LEU B 68 -9.12 -10.62 -4.28
C LEU B 68 -9.76 -11.40 -5.40
N GLY B 69 -10.01 -12.69 -5.20
CA GLY B 69 -10.70 -13.47 -6.21
C GLY B 69 -12.11 -12.99 -6.44
N ALA B 70 -12.78 -12.53 -5.38
CA ALA B 70 -14.11 -11.98 -5.51
C ALA B 70 -14.10 -10.75 -6.40
N VAL B 71 -13.12 -9.87 -6.24
CA VAL B 71 -13.06 -8.67 -7.06
C VAL B 71 -12.59 -8.99 -8.48
N ILE B 72 -11.66 -9.95 -8.63
CA ILE B 72 -11.23 -10.37 -9.96
C ILE B 72 -12.45 -10.85 -10.75
N CYS B 73 -13.17 -11.83 -10.18
CA CYS B 73 -14.36 -12.40 -10.81
C CYS B 73 -15.53 -11.42 -10.91
N GLY B 74 -15.59 -10.39 -10.05
CA GLY B 74 -16.64 -9.41 -10.21
C GLY B 74 -16.36 -8.44 -11.34
N ILE B 75 -15.12 -7.97 -11.43
CA ILE B 75 -14.73 -7.09 -12.52
C ILE B 75 -14.81 -7.83 -13.86
N ILE B 76 -14.46 -9.11 -13.87
CA ILE B 76 -14.40 -9.87 -15.13
C ILE B 76 -15.78 -10.41 -15.52
N PHE B 77 -16.50 -11.00 -14.57
CA PHE B 77 -17.74 -11.72 -14.86
C PHE B 77 -19.00 -10.89 -14.68
N PHE B 78 -18.94 -9.78 -13.93
CA PHE B 78 -20.12 -8.99 -13.64
C PHE B 78 -20.04 -7.58 -14.21
N LYS B 79 -19.06 -7.30 -15.06
CA LYS B 79 -18.85 -5.96 -15.62
C LYS B 79 -18.73 -4.91 -14.52
N GLU B 80 -18.12 -5.29 -13.40
CA GLU B 80 -17.95 -4.39 -12.28
C GLU B 80 -16.95 -3.29 -12.65
N PRO B 81 -17.11 -2.08 -12.09
CA PRO B 81 -16.14 -1.01 -12.34
C PRO B 81 -14.70 -1.39 -12.01
N LEU B 82 -13.83 -1.36 -13.02
CA LEU B 82 -12.40 -1.56 -12.83
C LEU B 82 -11.78 -0.21 -12.51
N THR B 83 -11.91 0.20 -11.25
CA THR B 83 -11.35 1.46 -10.81
C THR B 83 -9.83 1.37 -10.69
N ALA B 84 -9.14 2.46 -11.02
CA ALA B 84 -7.71 2.52 -10.74
C ALA B 84 -7.46 2.35 -9.25
N LEU B 85 -8.34 2.90 -8.43
CA LEU B 85 -8.27 2.70 -6.98
C LEU B 85 -8.35 1.21 -6.64
N ARG B 86 -9.26 0.48 -7.29
CA ARG B 86 -9.35 -0.95 -7.05
C ARG B 86 -8.10 -1.68 -7.54
N ILE B 87 -7.51 -1.22 -8.64
CA ILE B 87 -6.25 -1.82 -9.11
C ILE B 87 -5.16 -1.66 -8.07
N VAL B 88 -4.99 -0.45 -7.53
CA VAL B 88 -3.93 -0.25 -6.55
C VAL B 88 -4.24 -0.97 -5.24
N PHE B 89 -5.54 -1.14 -4.91
CA PHE B 89 -5.87 -1.95 -3.74
C PHE B 89 -5.50 -3.40 -3.97
N MET B 90 -5.72 -3.92 -5.18
CA MET B 90 -5.29 -5.28 -5.49
C MET B 90 -3.78 -5.39 -5.38
N ILE B 91 -3.06 -4.35 -5.81
CA ILE B 91 -1.60 -4.35 -5.67
C ILE B 91 -1.20 -4.44 -4.21
N LEU B 92 -1.84 -3.64 -3.36
CA LEU B 92 -1.56 -3.67 -1.93
C LEU B 92 -1.81 -5.07 -1.36
N LEU B 93 -2.94 -5.66 -1.72
CA LEU B 93 -3.31 -6.98 -1.19
C LEU B 93 -2.30 -8.04 -1.61
N LEU B 94 -1.94 -8.06 -2.90
CA LEU B 94 -1.00 -9.06 -3.40
C LEU B 94 0.38 -8.87 -2.80
N THR B 95 0.82 -7.62 -2.67
CA THR B 95 2.14 -7.38 -2.07
C THR B 95 2.15 -7.80 -0.61
N GLY B 96 1.05 -7.56 0.11
CA GLY B 96 0.97 -8.04 1.48
C GLY B 96 1.06 -9.55 1.58
N ILE B 97 0.31 -10.25 0.74
CA ILE B 97 0.32 -11.71 0.77
C ILE B 97 1.72 -12.25 0.46
N ILE B 98 2.33 -11.74 -0.60
CA ILE B 98 3.63 -12.25 -1.05
C ILE B 98 4.72 -11.92 -0.03
N GLY B 99 4.68 -10.72 0.56
CA GLY B 99 5.64 -10.36 1.58
C GLY B 99 5.45 -11.16 2.86
N LEU B 100 4.21 -11.54 3.18
CA LEU B 100 4.00 -12.43 4.32
C LEU B 100 4.56 -13.82 4.03
N LYS B 101 4.43 -14.29 2.79
CA LYS B 101 5.01 -15.58 2.46
C LYS B 101 6.53 -15.51 2.42
N ALA B 102 7.08 -14.33 2.14
CA ALA B 102 8.54 -14.20 1.99
C ALA B 102 9.25 -14.30 3.34
N THR B 103 8.65 -13.78 4.40
CA THR B 103 9.28 -13.73 5.71
C THR B 103 8.97 -14.96 6.56
N SER B 104 8.82 -16.13 5.95
CA SER B 104 8.53 -17.35 6.69
C SER B 104 9.81 -17.99 7.23
N MET C 1 -9.01 26.67 -16.61
CA MET C 1 -7.90 26.80 -17.54
C MET C 1 -6.57 26.62 -16.81
N ALA C 2 -6.59 26.85 -15.49
CA ALA C 2 -5.41 26.61 -14.67
C ALA C 2 -5.03 25.14 -14.63
N TRP C 3 -5.97 24.25 -14.99
CA TRP C 3 -5.63 22.84 -15.12
C TRP C 3 -4.52 22.65 -16.15
N LEU C 4 -4.62 23.34 -17.29
CA LEU C 4 -3.62 23.18 -18.34
C LEU C 4 -2.28 23.77 -17.92
N ILE C 5 -2.30 24.95 -17.29
CA ILE C 5 -1.04 25.53 -16.85
C ILE C 5 -0.40 24.68 -15.76
N LEU C 6 -1.21 23.97 -14.97
CA LEU C 6 -0.66 23.05 -13.98
C LEU C 6 -0.09 21.80 -14.64
N ILE C 7 -0.73 21.32 -15.70
CA ILE C 7 -0.17 20.22 -16.48
C ILE C 7 1.18 20.62 -17.05
N ILE C 8 1.31 21.87 -17.50
CA ILE C 8 2.58 22.34 -18.04
C ILE C 8 3.63 22.46 -16.94
N ALA C 9 3.22 22.96 -15.76
CA ALA C 9 4.11 23.03 -14.62
C ALA C 9 4.56 21.65 -14.16
N GLY C 10 3.75 20.61 -14.42
CA GLY C 10 4.16 19.25 -14.12
C GLY C 10 5.02 18.63 -15.20
N ILE C 11 4.84 19.07 -16.45
CA ILE C 11 5.71 18.62 -17.53
C ILE C 11 7.12 19.15 -17.34
N PHE C 12 7.25 20.43 -16.97
CA PHE C 12 8.59 20.99 -16.77
C PHE C 12 9.32 20.33 -15.61
N GLU C 13 8.58 19.81 -14.62
CA GLU C 13 9.20 19.09 -13.53
C GLU C 13 9.87 17.81 -14.00
N VAL C 14 9.36 17.21 -15.08
CA VAL C 14 10.04 16.06 -15.69
C VAL C 14 11.15 16.52 -16.61
N VAL C 15 10.94 17.66 -17.27
CA VAL C 15 11.96 18.22 -18.16
C VAL C 15 13.27 18.43 -17.40
N TRP C 16 13.20 19.14 -16.27
CA TRP C 16 14.45 19.39 -15.56
C TRP C 16 15.01 18.14 -14.89
N ALA C 17 14.17 17.13 -14.63
CA ALA C 17 14.71 15.86 -14.14
C ALA C 17 15.59 15.19 -15.19
N ILE C 18 15.07 15.05 -16.41
CA ILE C 18 15.86 14.44 -17.49
C ILE C 18 17.11 15.28 -17.77
N ALA C 19 16.96 16.61 -17.76
CA ALA C 19 18.12 17.47 -17.98
C ALA C 19 19.17 17.29 -16.89
N LEU C 20 18.73 17.20 -15.62
CA LEU C 20 19.67 16.97 -14.53
C LEU C 20 20.39 15.65 -14.68
N LYS C 21 19.68 14.62 -15.16
CA LYS C 21 20.38 13.37 -15.44
C LYS C 21 21.43 13.57 -16.52
N TYR C 22 21.14 14.39 -17.53
CA TYR C 22 22.11 14.63 -18.59
C TYR C 22 23.27 15.52 -18.14
N SER C 23 23.11 16.25 -17.02
CA SER C 23 24.11 17.26 -16.67
C SER C 23 25.40 16.69 -16.08
N ASN C 24 25.38 15.43 -15.61
CA ASN C 24 26.54 14.79 -14.99
C ASN C 24 27.10 15.63 -13.84
N GLY C 25 26.23 15.89 -12.86
CA GLY C 25 26.65 16.65 -11.69
C GLY C 25 26.78 18.14 -11.93
N PHE C 26 25.82 18.74 -12.63
CA PHE C 26 25.83 20.18 -12.94
C PHE C 26 27.12 20.59 -13.64
N THR C 27 27.60 19.75 -14.56
CA THR C 27 28.84 20.01 -15.27
C THR C 27 28.64 20.28 -16.76
N ARG C 28 27.68 19.62 -17.40
CA ARG C 28 27.40 19.85 -18.81
C ARG C 28 26.50 21.08 -18.95
N LEU C 29 27.03 22.13 -19.55
CA LEU C 29 26.22 23.31 -19.85
C LEU C 29 25.16 22.96 -20.88
N ILE C 30 23.95 23.47 -20.64
CA ILE C 30 22.68 23.27 -21.38
C ILE C 30 21.81 22.28 -20.60
N PRO C 31 22.24 21.03 -20.34
CA PRO C 31 21.44 20.21 -19.41
C PRO C 31 21.33 20.83 -18.04
N SER C 32 22.43 21.36 -17.50
CA SER C 32 22.34 22.17 -16.29
C SER C 32 21.44 23.38 -16.50
N MET C 33 21.57 24.05 -17.64
CA MET C 33 20.76 25.23 -17.92
C MET C 33 19.29 24.88 -18.12
N ILE C 34 19.01 23.80 -18.85
CA ILE C 34 17.63 23.38 -19.02
C ILE C 34 17.04 22.99 -17.67
N THR C 35 17.82 22.30 -16.83
CA THR C 35 17.40 22.03 -15.46
C THR C 35 16.98 23.32 -14.75
N LEU C 36 17.89 24.30 -14.72
CA LEU C 36 17.64 25.53 -13.98
C LEU C 36 16.40 26.25 -14.50
N ILE C 37 16.26 26.36 -15.82
CA ILE C 37 15.16 27.15 -16.36
C ILE C 37 13.83 26.42 -16.18
N GLY C 38 13.78 25.11 -16.46
CA GLY C 38 12.59 24.34 -16.21
C GLY C 38 12.22 24.19 -14.74
N MET C 39 13.12 24.52 -13.82
CA MET C 39 12.75 24.55 -12.42
C MET C 39 11.92 25.78 -12.07
N LEU C 40 12.42 26.97 -12.40
CA LEU C 40 11.67 28.16 -12.03
C LEU C 40 10.45 28.34 -12.92
N ILE C 41 10.47 27.82 -14.14
CA ILE C 41 9.25 27.78 -14.93
C ILE C 41 8.19 26.98 -14.18
N SER C 42 8.57 25.81 -13.68
CA SER C 42 7.63 24.96 -12.96
C SER C 42 7.10 25.66 -11.71
N PHE C 43 7.99 26.28 -10.92
CA PHE C 43 7.54 26.90 -9.68
C PHE C 43 6.66 28.13 -9.94
N TYR C 44 7.01 28.93 -10.95
CA TYR C 44 6.22 30.12 -11.24
C TYR C 44 4.84 29.73 -11.77
N LEU C 45 4.79 28.79 -12.72
CA LEU C 45 3.50 28.29 -13.17
C LEU C 45 2.73 27.62 -12.03
N LEU C 46 3.43 27.05 -11.05
CA LEU C 46 2.76 26.45 -9.91
C LEU C 46 2.18 27.50 -9.00
N SER C 47 2.88 28.61 -8.82
CA SER C 47 2.29 29.69 -8.04
C SER C 47 1.05 30.24 -8.75
N GLN C 48 1.13 30.39 -10.07
CA GLN C 48 -0.03 30.84 -10.84
C GLN C 48 -1.19 29.85 -10.73
N ALA C 49 -0.91 28.54 -10.75
CA ALA C 49 -1.97 27.54 -10.66
C ALA C 49 -2.49 27.35 -9.25
N THR C 50 -1.66 27.61 -8.25
CA THR C 50 -2.07 27.56 -6.85
C THR C 50 -2.83 28.82 -6.47
N LYS C 51 -2.69 29.89 -7.25
CA LYS C 51 -3.53 31.06 -7.07
C LYS C 51 -5.00 30.70 -7.27
N THR C 52 -5.29 29.91 -8.30
CA THR C 52 -6.67 29.56 -8.64
C THR C 52 -7.09 28.23 -8.03
N LEU C 53 -6.36 27.16 -8.32
CA LEU C 53 -6.71 25.82 -7.91
C LEU C 53 -6.40 25.59 -6.43
N PRO C 54 -7.10 24.67 -5.79
CA PRO C 54 -6.79 24.35 -4.39
C PRO C 54 -5.35 23.88 -4.24
N ILE C 55 -4.67 24.43 -3.23
CA ILE C 55 -3.26 24.11 -3.03
C ILE C 55 -3.07 22.60 -2.91
N GLY C 56 -3.98 21.91 -2.23
CA GLY C 56 -3.90 20.47 -2.11
C GLY C 56 -3.99 19.76 -3.43
N THR C 57 -5.08 19.98 -4.16
CA THR C 57 -5.27 19.30 -5.45
C THR C 57 -4.18 19.69 -6.45
N ALA C 58 -3.87 20.99 -6.52
CA ALA C 58 -2.81 21.44 -7.42
C ALA C 58 -1.50 20.74 -7.12
N TYR C 59 -1.08 20.72 -5.85
CA TYR C 59 0.21 20.11 -5.52
C TYR C 59 0.18 18.60 -5.76
N THR C 60 -0.95 17.95 -5.47
CA THR C 60 -1.05 16.51 -5.74
C THR C 60 -0.84 16.22 -7.22
N ILE C 61 -1.59 16.92 -8.09
CA ILE C 61 -1.44 16.67 -9.52
C ILE C 61 0.00 16.95 -9.95
N TRP C 62 0.55 18.09 -9.51
CA TRP C 62 1.93 18.48 -9.76
C TRP C 62 2.91 17.33 -9.50
N THR C 63 3.01 16.91 -8.24
CA THR C 63 4.02 15.92 -7.89
C THR C 63 3.71 14.54 -8.48
N GLY C 64 2.43 14.19 -8.64
CA GLY C 64 2.11 12.93 -9.27
C GLY C 64 2.62 12.85 -10.69
N ILE C 65 2.32 13.86 -11.50
CA ILE C 65 2.83 13.88 -12.87
C ILE C 65 4.35 13.87 -12.86
N GLY C 66 4.97 14.70 -12.01
CA GLY C 66 6.43 14.74 -11.96
C GLY C 66 7.04 13.37 -11.72
N ALA C 67 6.60 12.69 -10.65
CA ALA C 67 7.19 11.41 -10.28
C ALA C 67 6.93 10.34 -11.34
N LEU C 68 5.65 10.15 -11.72
CA LEU C 68 5.37 9.06 -12.66
C LEU C 68 6.01 9.32 -14.02
N GLY C 69 6.12 10.59 -14.44
CA GLY C 69 6.77 10.89 -15.68
C GLY C 69 8.27 10.64 -15.64
N ALA C 70 8.91 10.98 -14.51
CA ALA C 70 10.31 10.62 -14.36
C ALA C 70 10.50 9.12 -14.49
N VAL C 71 9.61 8.34 -13.86
CA VAL C 71 9.72 6.88 -13.94
C VAL C 71 9.59 6.40 -15.39
N ILE C 72 8.53 6.83 -16.07
CA ILE C 72 8.26 6.36 -17.43
C ILE C 72 9.39 6.77 -18.38
N CYS C 73 9.79 8.04 -18.32
CA CYS C 73 10.87 8.51 -19.19
C CYS C 73 12.22 7.90 -18.82
N GLY C 74 12.37 7.41 -17.59
CA GLY C 74 13.59 6.73 -17.23
C GLY C 74 13.67 5.34 -17.84
N ILE C 75 12.55 4.60 -17.82
CA ILE C 75 12.58 3.25 -18.37
C ILE C 75 12.69 3.30 -19.90
N ILE C 76 12.77 4.50 -20.46
CA ILE C 76 12.76 4.67 -21.91
C ILE C 76 14.07 5.31 -22.39
N PHE C 77 14.38 6.50 -21.85
CA PHE C 77 15.56 7.22 -22.31
C PHE C 77 16.85 6.51 -21.91
N PHE C 78 16.99 6.18 -20.64
CA PHE C 78 18.21 5.58 -20.11
C PHE C 78 18.08 4.09 -19.88
N LYS C 79 17.09 3.44 -20.52
CA LYS C 79 16.92 1.99 -20.47
C LYS C 79 16.84 1.48 -19.04
N GLU C 80 16.25 2.28 -18.15
CA GLU C 80 16.20 1.93 -16.75
C GLU C 80 15.25 0.76 -16.52
N PRO C 81 15.47 -0.03 -15.46
CA PRO C 81 14.79 -1.33 -15.36
C PRO C 81 13.28 -1.20 -15.28
N LEU C 82 12.60 -1.97 -16.13
CA LEU C 82 11.14 -2.14 -16.07
C LEU C 82 10.79 -3.46 -15.38
N THR C 83 11.37 -3.66 -14.21
CA THR C 83 11.12 -4.88 -13.45
C THR C 83 9.71 -4.89 -12.91
N ALA C 84 9.09 -6.09 -12.91
CA ALA C 84 7.79 -6.23 -12.27
C ALA C 84 7.88 -5.91 -10.77
N LEU C 85 9.05 -6.06 -10.18
CA LEU C 85 9.24 -5.71 -8.78
C LEU C 85 9.43 -4.20 -8.61
N ARG C 86 10.24 -3.58 -9.46
CA ARG C 86 10.51 -2.15 -9.32
C ARG C 86 9.25 -1.32 -9.56
N ILE C 87 8.41 -1.73 -10.50
CA ILE C 87 7.17 -1.00 -10.70
C ILE C 87 6.27 -1.14 -9.47
N VAL C 88 6.34 -2.27 -8.75
CA VAL C 88 5.50 -2.47 -7.57
C VAL C 88 5.90 -1.51 -6.45
N PHE C 89 7.18 -1.47 -6.10
CA PHE C 89 7.61 -0.55 -5.04
C PHE C 89 7.51 0.90 -5.50
N MET C 90 7.67 1.16 -6.80
CA MET C 90 7.44 2.50 -7.31
C MET C 90 5.98 2.89 -7.14
N ILE C 91 5.06 1.95 -7.37
CA ILE C 91 3.65 2.22 -7.18
C ILE C 91 3.36 2.48 -5.70
N LEU C 92 3.96 1.69 -4.82
CA LEU C 92 3.79 1.91 -3.38
C LEU C 92 4.24 3.31 -2.99
N LEU C 93 5.45 3.69 -3.40
CA LEU C 93 5.97 5.02 -3.10
C LEU C 93 5.12 6.13 -3.71
N LEU C 94 4.64 5.94 -4.94
CA LEU C 94 3.85 6.97 -5.60
C LEU C 94 2.50 7.15 -4.91
N THR C 95 1.85 6.05 -4.52
CA THR C 95 0.60 6.18 -3.81
C THR C 95 0.82 6.79 -2.43
N GLY C 96 1.94 6.46 -1.78
CA GLY C 96 2.26 7.13 -0.54
C GLY C 96 2.37 8.63 -0.70
N ILE C 97 3.15 9.06 -1.70
CA ILE C 97 3.36 10.50 -1.93
C ILE C 97 2.04 11.18 -2.24
N ILE C 98 1.30 10.64 -3.23
CA ILE C 98 0.05 11.25 -3.67
C ILE C 98 -0.96 11.30 -2.53
N GLY C 99 -1.08 10.22 -1.77
CA GLY C 99 -2.05 10.20 -0.68
C GLY C 99 -1.69 11.17 0.43
N LEU C 100 -0.43 11.18 0.86
CA LEU C 100 -0.01 12.13 1.88
C LEU C 100 -0.25 13.57 1.43
N LYS C 101 0.03 13.86 0.16
CA LYS C 101 -0.26 15.21 -0.31
C LYS C 101 -1.75 15.47 -0.47
N ALA C 102 -2.56 14.42 -0.58
CA ALA C 102 -4.00 14.58 -0.67
C ALA C 102 -4.67 14.75 0.70
N THR C 103 -3.92 14.67 1.80
CA THR C 103 -4.49 14.77 3.13
C THR C 103 -4.27 16.11 3.80
N SER C 104 -3.39 16.95 3.26
CA SER C 104 -3.11 18.26 3.86
C SER C 104 -4.16 19.28 3.43
N MET D 1 25.74 4.12 -1.19
CA MET D 1 26.46 5.37 -1.02
C MET D 1 25.76 6.50 -1.76
N ALA D 2 25.47 6.29 -3.05
CA ALA D 2 24.59 7.22 -3.75
C ALA D 2 23.22 7.27 -3.09
N TRP D 3 22.81 6.18 -2.45
CA TRP D 3 21.57 6.18 -1.68
C TRP D 3 21.69 7.06 -0.44
N LEU D 4 22.84 7.00 0.24
CA LEU D 4 23.09 7.91 1.35
C LEU D 4 22.99 9.36 0.90
N ILE D 5 23.61 9.68 -0.24
CA ILE D 5 23.52 11.02 -0.81
C ILE D 5 22.07 11.38 -1.11
N LEU D 6 21.29 10.43 -1.61
CA LEU D 6 19.89 10.68 -1.91
C LEU D 6 19.10 11.04 -0.66
N ILE D 7 19.30 10.26 0.41
CA ILE D 7 18.60 10.54 1.66
C ILE D 7 18.97 11.91 2.19
N ILE D 8 20.27 12.26 2.13
CA ILE D 8 20.69 13.57 2.61
C ILE D 8 20.07 14.68 1.76
N ALA D 9 19.94 14.43 0.45
CA ALA D 9 19.34 15.41 -0.43
C ALA D 9 17.88 15.65 -0.08
N GLY D 10 17.13 14.58 0.20
CA GLY D 10 15.75 14.73 0.64
C GLY D 10 15.63 15.47 1.96
N ILE D 11 16.56 15.22 2.89
CA ILE D 11 16.58 15.95 4.15
C ILE D 11 16.71 17.45 3.87
N PHE D 12 17.72 17.84 3.07
CA PHE D 12 17.87 19.25 2.74
C PHE D 12 16.65 19.78 2.00
N GLU D 13 16.00 18.93 1.19
CA GLU D 13 14.74 19.31 0.57
C GLU D 13 13.73 19.78 1.61
N VAL D 14 13.45 18.95 2.62
CA VAL D 14 12.46 19.38 3.60
C VAL D 14 12.94 20.62 4.35
N VAL D 15 14.24 20.73 4.62
CA VAL D 15 14.68 21.88 5.41
C VAL D 15 14.48 23.18 4.63
N TRP D 16 14.81 23.20 3.33
CA TRP D 16 14.57 24.45 2.61
C TRP D 16 13.08 24.67 2.37
N ALA D 17 12.29 23.61 2.22
CA ALA D 17 10.85 23.79 2.03
C ALA D 17 10.21 24.48 3.23
N ILE D 18 10.64 24.14 4.45
CA ILE D 18 10.02 24.78 5.61
C ILE D 18 10.66 26.13 5.95
N ALA D 19 11.99 26.28 5.77
CA ALA D 19 12.59 27.58 5.97
C ALA D 19 12.08 28.60 4.95
N LEU D 20 11.53 28.13 3.82
CA LEU D 20 10.94 29.05 2.86
C LEU D 20 9.72 29.74 3.44
N LYS D 21 8.84 28.97 4.08
CA LYS D 21 7.65 29.58 4.66
C LYS D 21 7.99 30.33 5.94
N TYR D 22 9.07 29.96 6.63
CA TYR D 22 9.47 30.78 7.77
C TYR D 22 10.12 32.09 7.34
N SER D 23 10.72 32.13 6.15
CA SER D 23 11.01 33.40 5.51
C SER D 23 9.73 33.98 4.94
N ASN D 24 9.69 35.30 4.82
CA ASN D 24 8.55 35.92 4.16
C ASN D 24 8.81 35.99 2.66
N GLY D 25 8.53 37.12 2.03
CA GLY D 25 8.79 37.25 0.61
C GLY D 25 10.26 37.24 0.27
N PHE D 26 10.97 36.19 0.70
CA PHE D 26 12.43 36.12 0.63
C PHE D 26 13.04 37.36 1.27
N THR D 27 12.48 37.76 2.42
CA THR D 27 12.84 39.02 3.05
C THR D 27 13.53 38.86 4.40
N ARG D 28 13.33 37.76 5.11
CA ARG D 28 14.03 37.53 6.36
C ARG D 28 15.42 36.95 6.06
N LEU D 29 16.46 37.58 6.60
CA LEU D 29 17.83 37.26 6.23
C LEU D 29 18.18 35.82 6.56
N ILE D 30 18.04 35.45 7.83
CA ILE D 30 18.43 34.10 8.26
C ILE D 30 17.68 33.02 7.49
N PRO D 31 16.33 33.02 7.44
CA PRO D 31 15.65 31.96 6.68
C PRO D 31 15.91 32.02 5.19
N SER D 32 16.08 33.22 4.61
CA SER D 32 16.39 33.28 3.18
C SER D 32 17.75 32.65 2.87
N MET D 33 18.77 32.96 3.68
CA MET D 33 20.06 32.31 3.52
C MET D 33 19.94 30.81 3.72
N ILE D 34 19.12 30.38 4.70
CA ILE D 34 18.93 28.96 4.93
C ILE D 34 18.34 28.30 3.70
N THR D 35 17.31 28.91 3.11
CA THR D 35 16.67 28.32 1.94
C THR D 35 17.59 28.31 0.73
N LEU D 36 18.38 29.37 0.55
CA LEU D 36 19.25 29.43 -0.60
C LEU D 36 20.35 28.37 -0.50
N ILE D 37 21.05 28.34 0.64
CA ILE D 37 22.08 27.34 0.86
C ILE D 37 21.49 25.93 0.78
N GLY D 38 20.28 25.74 1.32
CA GLY D 38 19.69 24.42 1.32
C GLY D 38 19.22 23.98 -0.05
N MET D 39 18.69 24.90 -0.85
CA MET D 39 18.33 24.58 -2.22
C MET D 39 19.56 24.20 -3.02
N LEU D 40 20.64 24.97 -2.89
CA LEU D 40 21.87 24.64 -3.59
C LEU D 40 22.40 23.27 -3.17
N ILE D 41 22.46 23.02 -1.86
CA ILE D 41 22.97 21.75 -1.36
C ILE D 41 22.10 20.59 -1.84
N SER D 42 20.76 20.75 -1.73
CA SER D 42 19.84 19.68 -2.09
C SER D 42 19.96 19.33 -3.57
N PHE D 43 19.89 20.35 -4.44
CA PHE D 43 19.97 20.09 -5.87
C PHE D 43 21.34 19.52 -6.26
N TYR D 44 22.41 19.99 -5.61
CA TYR D 44 23.75 19.50 -5.92
C TYR D 44 23.90 18.02 -5.56
N LEU D 45 23.53 17.67 -4.32
CA LEU D 45 23.56 16.27 -3.92
C LEU D 45 22.63 15.43 -4.80
N LEU D 46 21.51 15.99 -5.24
CA LEU D 46 20.62 15.26 -6.13
C LEU D 46 21.29 14.95 -7.46
N SER D 47 22.03 15.92 -8.01
CA SER D 47 22.77 15.68 -9.24
C SER D 47 23.81 14.57 -9.05
N GLN D 48 24.62 14.69 -8.00
CA GLN D 48 25.66 13.70 -7.76
C GLN D 48 25.05 12.32 -7.52
N ALA D 49 23.84 12.26 -6.96
CA ALA D 49 23.19 10.97 -6.74
C ALA D 49 22.63 10.41 -8.04
N THR D 50 22.04 11.27 -8.88
CA THR D 50 21.53 10.83 -10.18
C THR D 50 22.64 10.35 -11.10
N LYS D 51 23.89 10.74 -10.83
CA LYS D 51 25.00 10.26 -11.66
C LYS D 51 25.02 8.74 -11.76
N THR D 52 24.88 8.04 -10.63
CA THR D 52 24.94 6.57 -10.64
C THR D 52 23.60 5.90 -10.45
N LEU D 53 22.56 6.62 -10.04
CA LEU D 53 21.23 6.07 -9.85
C LEU D 53 20.35 6.40 -11.04
N PRO D 54 19.35 5.57 -11.33
CA PRO D 54 18.39 5.92 -12.39
C PRO D 54 17.61 7.18 -12.03
N ILE D 55 17.16 7.88 -13.07
CA ILE D 55 16.44 9.14 -12.84
C ILE D 55 15.09 8.88 -12.20
N GLY D 56 14.40 7.81 -12.62
CA GLY D 56 13.08 7.54 -12.08
C GLY D 56 13.11 7.18 -10.61
N THR D 57 14.09 6.38 -10.20
CA THR D 57 14.21 6.04 -8.79
C THR D 57 14.68 7.24 -7.98
N ALA D 58 15.76 7.89 -8.42
CA ALA D 58 16.33 9.00 -7.67
C ALA D 58 15.32 10.12 -7.47
N TYR D 59 14.63 10.52 -8.54
CA TYR D 59 13.68 11.63 -8.42
C TYR D 59 12.56 11.30 -7.43
N THR D 60 11.91 10.15 -7.62
CA THR D 60 10.76 9.84 -6.78
C THR D 60 11.17 9.58 -5.34
N ILE D 61 12.38 9.06 -5.11
CA ILE D 61 12.81 8.86 -3.73
C ILE D 61 13.19 10.19 -3.10
N TRP D 62 13.79 11.09 -3.88
CA TRP D 62 14.07 12.44 -3.39
C TRP D 62 12.78 13.14 -2.99
N THR D 63 11.78 13.13 -3.88
CA THR D 63 10.48 13.74 -3.60
C THR D 63 9.77 13.06 -2.43
N GLY D 64 9.90 11.74 -2.32
CA GLY D 64 9.25 11.03 -1.23
C GLY D 64 9.87 11.34 0.12
N ILE D 65 11.20 11.39 0.18
CA ILE D 65 11.85 11.83 1.41
C ILE D 65 11.44 13.25 1.75
N GLY D 66 11.35 14.11 0.73
CA GLY D 66 10.90 15.47 0.96
C GLY D 66 9.51 15.53 1.57
N ALA D 67 8.56 14.83 0.97
CA ALA D 67 7.17 14.88 1.46
C ALA D 67 7.04 14.17 2.80
N LEU D 68 7.74 13.06 3.00
CA LEU D 68 7.69 12.35 4.26
C LEU D 68 8.26 13.21 5.38
N GLY D 69 9.42 13.84 5.15
CA GLY D 69 9.96 14.75 6.14
C GLY D 69 9.08 15.97 6.36
N ALA D 70 8.39 16.42 5.31
CA ALA D 70 7.42 17.50 5.47
C ALA D 70 6.31 17.09 6.42
N VAL D 71 5.83 15.85 6.29
CA VAL D 71 4.76 15.40 7.17
C VAL D 71 5.30 15.14 8.58
N ILE D 72 6.51 14.60 8.69
CA ILE D 72 7.14 14.41 10.00
C ILE D 72 7.24 15.74 10.74
N CYS D 73 7.87 16.74 10.11
CA CYS D 73 8.04 18.06 10.69
C CYS D 73 6.72 18.79 10.89
N GLY D 74 5.71 18.53 10.06
CA GLY D 74 4.43 19.20 10.26
C GLY D 74 3.66 18.62 11.43
N ILE D 75 3.73 17.29 11.59
CA ILE D 75 3.07 16.66 12.73
C ILE D 75 3.78 17.02 14.03
N ILE D 76 5.11 17.06 14.00
CA ILE D 76 5.84 17.29 15.25
C ILE D 76 5.88 18.78 15.60
N PHE D 77 6.23 19.62 14.63
CA PHE D 77 6.51 21.03 14.87
C PHE D 77 5.36 21.97 14.53
N PHE D 78 4.30 21.48 13.88
CA PHE D 78 3.16 22.32 13.54
C PHE D 78 1.84 21.79 14.09
N LYS D 79 1.89 20.73 14.90
CA LYS D 79 0.70 20.15 15.52
C LYS D 79 -0.32 19.74 14.46
N GLU D 80 0.14 19.00 13.46
CA GLU D 80 -0.66 18.54 12.34
C GLU D 80 -1.47 17.31 12.74
N PRO D 81 -2.68 17.15 12.18
CA PRO D 81 -3.46 15.95 12.47
C PRO D 81 -2.72 14.69 12.05
N LEU D 82 -2.66 13.72 12.96
CA LEU D 82 -2.01 12.43 12.73
C LEU D 82 -3.11 11.39 12.50
N THR D 83 -3.47 11.21 11.24
CA THR D 83 -4.52 10.27 10.86
C THR D 83 -3.94 8.87 10.65
N ALA D 84 -4.78 7.86 10.86
CA ALA D 84 -4.39 6.51 10.48
C ALA D 84 -4.14 6.42 8.99
N LEU D 85 -4.92 7.17 8.20
CA LEU D 85 -4.66 7.28 6.77
C LEU D 85 -3.25 7.80 6.50
N ARG D 86 -2.84 8.85 7.22
CA ARG D 86 -1.49 9.39 7.04
C ARG D 86 -0.42 8.42 7.51
N ILE D 87 -0.67 7.68 8.59
CA ILE D 87 0.31 6.68 9.03
C ILE D 87 0.48 5.59 7.98
N VAL D 88 -0.62 5.08 7.43
CA VAL D 88 -0.49 4.03 6.43
C VAL D 88 0.11 4.59 5.13
N PHE D 89 -0.15 5.87 4.82
CA PHE D 89 0.51 6.46 3.65
C PHE D 89 2.01 6.59 3.86
N MET D 90 2.42 6.96 5.08
CA MET D 90 3.85 6.99 5.37
C MET D 90 4.44 5.60 5.30
N ILE D 91 3.67 4.57 5.69
CA ILE D 91 4.15 3.20 5.55
C ILE D 91 4.34 2.84 4.08
N LEU D 92 3.38 3.22 3.24
CA LEU D 92 3.52 2.97 1.80
C LEU D 92 4.77 3.66 1.26
N LEU D 93 4.97 4.92 1.65
CA LEU D 93 6.10 5.69 1.14
C LEU D 93 7.43 5.07 1.58
N LEU D 94 7.53 4.70 2.86
CA LEU D 94 8.77 4.12 3.38
C LEU D 94 9.04 2.77 2.76
N THR D 95 8.00 1.94 2.61
CA THR D 95 8.18 0.64 1.97
C THR D 95 8.64 0.81 0.53
N GLY D 96 8.08 1.79 -0.18
CA GLY D 96 8.55 2.06 -1.53
C GLY D 96 10.02 2.43 -1.57
N ILE D 97 10.43 3.37 -0.71
CA ILE D 97 11.82 3.82 -0.70
C ILE D 97 12.76 2.65 -0.40
N ILE D 98 12.44 1.88 0.64
CA ILE D 98 13.33 0.80 1.07
C ILE D 98 13.37 -0.31 0.03
N GLY D 99 12.21 -0.70 -0.52
CA GLY D 99 12.21 -1.70 -1.57
C GLY D 99 12.91 -1.27 -2.83
N LEU D 100 12.89 0.04 -3.13
CA LEU D 100 13.66 0.53 -4.26
C LEU D 100 15.16 0.48 -3.97
N LYS D 101 15.55 0.81 -2.74
CA LYS D 101 16.97 0.67 -2.39
C LYS D 101 17.41 -0.79 -2.43
N ALA D 102 16.50 -1.73 -2.15
CA ALA D 102 16.86 -3.14 -2.08
C ALA D 102 16.80 -3.85 -3.44
N THR D 103 16.87 -3.10 -4.55
CA THR D 103 16.89 -3.71 -5.87
C THR D 103 17.99 -3.10 -6.75
N SER D 104 19.03 -2.56 -6.14
CA SER D 104 20.11 -1.92 -6.88
C SER D 104 21.04 -2.95 -7.51
N SER E 1 -0.32 -42.58 25.82
CA SER E 1 -1.46 -43.38 26.24
C SER E 1 -2.57 -42.51 26.79
N SER E 2 -2.64 -41.26 26.31
CA SER E 2 -3.62 -40.31 26.78
C SER E 2 -5.05 -40.74 26.41
N VAL E 3 -5.36 -40.70 25.12
CA VAL E 3 -6.71 -41.03 24.66
C VAL E 3 -6.64 -42.19 23.67
N PRO E 4 -7.65 -43.08 23.65
CA PRO E 4 -8.74 -43.18 24.64
C PRO E 4 -8.26 -43.96 25.85
N THR E 5 -9.10 -44.16 26.87
CA THR E 5 -8.68 -44.87 28.06
C THR E 5 -9.79 -45.84 28.48
N LYS E 6 -9.37 -46.94 29.09
CA LYS E 6 -10.29 -47.88 29.75
C LYS E 6 -11.34 -48.41 28.78
N LEU E 7 -10.87 -49.02 27.69
CA LEU E 7 -11.77 -49.68 26.75
C LEU E 7 -12.30 -50.96 27.39
N GLU E 8 -13.61 -51.03 27.58
CA GLU E 8 -14.23 -52.15 28.26
C GLU E 8 -15.53 -52.52 27.57
N VAL E 9 -15.90 -53.79 27.70
CA VAL E 9 -17.14 -54.31 27.13
C VAL E 9 -18.21 -54.22 28.23
N VAL E 10 -19.19 -53.34 28.02
CA VAL E 10 -20.28 -53.15 28.98
C VAL E 10 -21.15 -54.41 28.99
N ALA E 11 -21.92 -54.61 27.92
CA ALA E 11 -22.77 -55.78 27.77
C ALA E 11 -22.28 -56.61 26.59
N ALA E 12 -22.72 -57.87 26.56
CA ALA E 12 -22.30 -58.80 25.52
C ALA E 12 -23.49 -59.63 25.08
N THR E 13 -23.24 -60.46 24.07
CA THR E 13 -24.24 -61.27 23.38
C THR E 13 -23.47 -62.19 22.44
N PRO E 14 -23.96 -63.41 22.16
CA PRO E 14 -23.34 -64.24 21.12
C PRO E 14 -23.02 -63.49 19.84
N THR E 15 -23.84 -62.50 19.47
CA THR E 15 -23.66 -61.79 18.21
C THR E 15 -23.31 -60.32 18.35
N SER E 16 -23.30 -59.77 19.56
CA SER E 16 -23.10 -58.32 19.69
C SER E 16 -22.38 -58.00 21.00
N LEU E 17 -21.66 -56.87 20.97
CA LEU E 17 -20.92 -56.35 22.12
C LEU E 17 -21.24 -54.88 22.28
N LEU E 18 -21.28 -54.43 23.53
CA LEU E 18 -21.41 -53.01 23.85
C LEU E 18 -20.11 -52.57 24.52
N ILE E 19 -19.38 -51.66 23.88
CA ILE E 19 -18.08 -51.23 24.35
C ILE E 19 -18.18 -49.77 24.78
N SER E 20 -17.24 -49.35 25.64
CA SER E 20 -17.13 -47.97 26.05
C SER E 20 -15.68 -47.68 26.40
N TRP E 21 -15.38 -46.40 26.62
CA TRP E 21 -14.03 -45.97 26.93
C TRP E 21 -14.08 -44.69 27.74
N ASP E 22 -12.93 -44.30 28.27
CA ASP E 22 -12.76 -43.05 28.99
C ASP E 22 -12.18 -42.02 28.01
N ALA E 23 -13.00 -41.04 27.65
CA ALA E 23 -12.57 -40.04 26.68
C ALA E 23 -11.43 -39.19 27.21
N GLY E 24 -11.39 -38.96 28.51
CA GLY E 24 -10.40 -38.09 29.12
C GLY E 24 -11.02 -36.79 29.59
N HIS E 25 -10.16 -35.82 29.85
CA HIS E 25 -10.62 -34.49 30.24
C HIS E 25 -11.05 -33.71 29.00
N TRP E 26 -11.74 -32.59 29.23
CA TRP E 26 -12.38 -31.87 28.14
C TRP E 26 -11.39 -31.30 27.13
N TRP E 27 -10.12 -31.14 27.51
CA TRP E 27 -9.09 -30.75 26.54
C TRP E 27 -8.51 -31.95 25.82
N GLU E 28 -8.97 -33.17 26.14
CA GLU E 28 -8.52 -34.39 25.48
C GLU E 28 -9.55 -34.97 24.53
N TRP E 29 -10.78 -34.46 24.57
CA TRP E 29 -11.84 -34.99 23.71
C TRP E 29 -11.53 -34.71 22.25
N VAL E 30 -11.86 -35.68 21.39
CA VAL E 30 -11.58 -35.59 19.97
C VAL E 30 -12.91 -35.58 19.21
N THR E 31 -12.84 -35.16 17.95
CA THR E 31 -14.05 -35.02 17.16
C THR E 31 -14.64 -36.38 16.77
N TYR E 32 -13.80 -37.40 16.65
CA TYR E 32 -14.29 -38.72 16.26
C TYR E 32 -13.33 -39.78 16.76
N TYR E 33 -13.87 -40.92 17.16
CA TYR E 33 -13.08 -42.12 17.36
C TYR E 33 -13.37 -43.07 16.21
N ARG E 34 -12.43 -43.97 15.93
CA ARG E 34 -12.69 -45.05 14.98
C ARG E 34 -12.43 -46.38 15.67
N ILE E 35 -13.39 -47.29 15.53
CA ILE E 35 -13.38 -48.57 16.21
C ILE E 35 -13.14 -49.66 15.19
N THR E 36 -12.14 -50.49 15.45
CA THR E 36 -11.73 -51.60 14.60
C THR E 36 -11.92 -52.90 15.40
N TYR E 37 -12.62 -53.86 14.81
CA TYR E 37 -12.82 -55.13 15.49
C TYR E 37 -12.70 -56.29 14.51
N GLY E 38 -12.03 -57.34 14.95
CA GLY E 38 -11.83 -58.50 14.09
C GLY E 38 -11.61 -59.78 14.85
N GLU E 39 -11.82 -60.89 14.15
CA GLU E 39 -11.54 -62.20 14.72
C GLU E 39 -10.08 -62.27 15.15
N THR E 40 -9.86 -62.61 16.42
CA THR E 40 -8.52 -62.52 16.99
C THR E 40 -7.56 -63.51 16.34
N GLY E 41 -8.07 -64.61 15.79
CA GLY E 41 -7.22 -65.53 15.06
C GLY E 41 -6.80 -65.01 13.70
N GLY E 42 -7.49 -63.98 13.20
CA GLY E 42 -7.18 -63.42 11.90
C GLY E 42 -7.70 -64.27 10.77
N ASN E 43 -9.03 -64.44 10.70
CA ASN E 43 -9.61 -65.08 9.52
C ASN E 43 -9.14 -64.39 8.26
N SER E 44 -9.20 -63.05 8.24
CA SER E 44 -8.51 -62.23 7.25
C SER E 44 -8.57 -60.74 7.59
N PRO E 45 -9.76 -60.09 7.54
CA PRO E 45 -9.77 -58.63 7.64
C PRO E 45 -10.11 -58.15 9.04
N VAL E 46 -10.28 -56.84 9.17
CA VAL E 46 -10.85 -56.24 10.37
C VAL E 46 -11.92 -55.24 9.94
N GLN E 47 -13.05 -55.27 10.65
CA GLN E 47 -14.13 -54.32 10.39
C GLN E 47 -13.83 -53.01 11.10
N GLU E 48 -14.38 -51.92 10.57
CA GLU E 48 -14.12 -50.60 11.12
C GLU E 48 -15.35 -49.72 10.94
N PHE E 49 -15.68 -48.97 11.98
CA PHE E 49 -16.64 -47.87 11.84
C PHE E 49 -16.11 -46.68 12.62
N THR E 50 -16.79 -45.54 12.48
CA THR E 50 -16.42 -44.34 13.20
C THR E 50 -17.58 -43.88 14.07
N VAL E 51 -17.24 -43.23 15.18
CA VAL E 51 -18.20 -42.79 16.19
C VAL E 51 -17.92 -41.33 16.51
N PRO E 52 -18.96 -40.49 16.61
CA PRO E 52 -18.75 -39.09 17.00
C PRO E 52 -18.01 -38.98 18.33
N GLY E 53 -17.18 -37.95 18.43
CA GLY E 53 -16.31 -37.80 19.59
C GLY E 53 -17.04 -37.53 20.89
N TYR E 54 -18.28 -37.05 20.82
CA TYR E 54 -19.07 -36.79 22.02
C TYR E 54 -19.75 -38.06 22.54
N SER E 55 -19.41 -39.23 22.01
CA SER E 55 -19.96 -40.50 22.47
C SER E 55 -18.84 -41.33 23.07
N SER E 56 -19.01 -41.76 24.31
CA SER E 56 -18.06 -42.62 24.97
C SER E 56 -18.33 -44.10 24.73
N THR E 57 -19.51 -44.45 24.19
CA THR E 57 -19.90 -45.82 23.97
C THR E 57 -20.06 -46.11 22.48
N ALA E 58 -19.92 -47.38 22.13
CA ALA E 58 -20.18 -47.87 20.79
C ALA E 58 -20.78 -49.27 20.89
N THR E 59 -21.48 -49.69 19.84
CA THR E 59 -22.13 -50.99 19.82
C THR E 59 -21.73 -51.73 18.56
N ILE E 60 -21.01 -52.84 18.73
CA ILE E 60 -20.55 -53.66 17.63
C ILE E 60 -21.49 -54.83 17.47
N SER E 61 -22.03 -55.02 16.27
CA SER E 61 -23.04 -56.04 16.06
C SER E 61 -22.65 -56.95 14.90
N GLY E 62 -23.32 -58.10 14.83
CA GLY E 62 -23.13 -59.03 13.75
C GLY E 62 -21.94 -59.95 13.90
N LEU E 63 -21.59 -60.33 15.13
CA LEU E 63 -20.43 -61.17 15.39
C LEU E 63 -20.83 -62.64 15.42
N LYS E 64 -19.82 -63.52 15.33
CA LYS E 64 -20.07 -64.95 15.38
C LYS E 64 -19.91 -65.46 16.81
N PRO E 65 -20.88 -66.20 17.34
CA PRO E 65 -20.82 -66.64 18.74
C PRO E 65 -19.66 -67.59 18.99
N GLY E 66 -19.02 -67.40 20.15
CA GLY E 66 -17.93 -68.26 20.58
C GLY E 66 -16.56 -67.84 20.10
N VAL E 67 -16.48 -67.00 19.06
CA VAL E 67 -15.20 -66.61 18.50
C VAL E 67 -14.61 -65.46 19.31
N ASP E 68 -13.28 -65.45 19.43
CA ASP E 68 -12.58 -64.40 20.14
C ASP E 68 -12.24 -63.26 19.18
N TYR E 69 -12.45 -62.03 19.64
CA TYR E 69 -12.25 -60.85 18.83
C TYR E 69 -11.30 -59.88 19.51
N THR E 70 -10.76 -58.97 18.71
CA THR E 70 -10.01 -57.83 19.20
C THR E 70 -10.71 -56.55 18.76
N ILE E 71 -10.93 -55.65 19.71
CA ILE E 71 -11.58 -54.37 19.47
C ILE E 71 -10.62 -53.27 19.90
N THR E 72 -10.42 -52.28 19.02
CA THR E 72 -9.46 -51.20 19.21
C THR E 72 -10.17 -49.88 18.96
N VAL E 73 -9.82 -48.87 19.76
CA VAL E 73 -10.40 -47.53 19.65
C VAL E 73 -9.26 -46.57 19.38
N TYR E 74 -9.37 -45.81 18.29
CA TYR E 74 -8.30 -44.94 17.84
C TYR E 74 -8.66 -43.48 18.06
N ALA E 75 -7.63 -42.65 18.20
CA ALA E 75 -7.78 -41.22 18.10
C ALA E 75 -7.71 -40.81 16.63
N PRO E 76 -8.16 -39.59 16.29
CA PRO E 76 -8.03 -39.14 14.90
C PRO E 76 -6.61 -39.22 14.37
N THR E 77 -5.62 -38.82 15.16
CA THR E 77 -4.22 -38.93 14.82
C THR E 77 -3.49 -39.73 15.88
N SER E 78 -2.17 -39.83 15.73
CA SER E 78 -1.34 -40.52 16.70
C SER E 78 -0.80 -39.61 17.79
N ASP E 79 -1.00 -38.29 17.67
CA ASP E 79 -0.45 -37.36 18.63
C ASP E 79 -1.12 -37.49 20.00
N TYR E 80 -2.41 -37.85 20.02
CA TYR E 80 -3.11 -37.95 21.30
C TYR E 80 -2.57 -39.11 22.13
N GLY E 81 -2.59 -40.31 21.56
CA GLY E 81 -2.07 -41.47 22.28
C GLY E 81 -2.10 -42.70 21.39
N SER E 82 -1.84 -43.84 22.03
CA SER E 82 -1.86 -45.10 21.31
C SER E 82 -3.26 -45.71 21.34
N PRO E 83 -3.65 -46.40 20.26
CA PRO E 83 -4.98 -47.02 20.24
C PRO E 83 -5.06 -48.18 21.22
N ILE E 84 -6.09 -48.14 22.08
CA ILE E 84 -6.29 -49.17 23.09
C ILE E 84 -7.09 -50.31 22.48
N SER E 85 -6.62 -51.54 22.69
CA SER E 85 -7.26 -52.72 22.14
C SER E 85 -7.48 -53.76 23.24
N ILE E 86 -8.47 -54.62 23.03
CA ILE E 86 -8.83 -55.63 24.02
C ILE E 86 -9.00 -56.99 23.35
N ASN E 87 -9.50 -57.96 24.12
CA ASN E 87 -9.85 -59.28 23.62
C ASN E 87 -11.15 -59.71 24.29
N TYR E 88 -12.01 -60.38 23.53
CA TYR E 88 -13.27 -60.85 24.08
C TYR E 88 -13.79 -62.01 23.26
N ARG E 89 -14.24 -63.07 23.95
CA ARG E 89 -14.86 -64.22 23.32
C ARG E 89 -16.38 -64.14 23.49
N THR E 90 -17.11 -64.36 22.40
CA THR E 90 -18.57 -64.33 22.45
C THR E 90 -19.13 -65.69 22.83
N SER F 1 42.47 14.59 -26.42
CA SER F 1 41.40 15.01 -25.53
C SER F 1 40.12 15.28 -26.31
N SER F 2 39.14 15.87 -25.63
CA SER F 2 37.89 16.30 -26.27
C SER F 2 37.65 17.78 -26.10
N VAL F 3 37.65 18.28 -24.86
CA VAL F 3 37.45 19.71 -24.60
C VAL F 3 38.42 20.16 -23.52
N PRO F 4 38.89 21.41 -23.63
CA PRO F 4 38.65 22.35 -24.72
C PRO F 4 39.63 22.11 -25.86
N THR F 5 39.63 22.96 -26.88
CA THR F 5 40.52 22.79 -28.02
C THR F 5 41.05 24.15 -28.44
N LYS F 6 42.21 24.13 -29.11
CA LYS F 6 42.79 25.31 -29.74
C LYS F 6 42.98 26.45 -28.73
N LEU F 7 43.57 26.13 -27.59
CA LEU F 7 43.95 27.16 -26.62
C LEU F 7 45.04 28.03 -27.23
N GLU F 8 44.70 29.29 -27.50
CA GLU F 8 45.63 30.20 -28.15
C GLU F 8 45.55 31.56 -27.49
N VAL F 9 46.67 32.29 -27.52
CA VAL F 9 46.74 33.65 -27.00
C VAL F 9 46.23 34.57 -28.09
N VAL F 10 44.98 35.04 -27.96
CA VAL F 10 44.45 36.02 -28.89
C VAL F 10 45.32 37.27 -28.90
N ALA F 11 45.53 37.87 -27.74
CA ALA F 11 46.28 39.10 -27.66
C ALA F 11 47.28 39.04 -26.52
N ALA F 12 48.30 39.90 -26.57
CA ALA F 12 49.33 39.88 -25.55
C ALA F 12 49.74 41.29 -25.17
N THR F 13 50.38 41.37 -24.01
CA THR F 13 50.89 42.60 -23.41
C THR F 13 51.95 42.19 -22.41
N PRO F 14 53.03 42.98 -22.25
CA PRO F 14 54.07 42.67 -21.26
C PRO F 14 53.56 42.13 -19.94
N THR F 15 52.33 42.47 -19.56
CA THR F 15 51.76 42.05 -18.29
C THR F 15 50.50 41.19 -18.40
N SER F 16 49.96 40.97 -19.60
CA SER F 16 48.69 40.27 -19.68
C SER F 16 48.59 39.45 -20.96
N LEU F 17 47.70 38.46 -20.93
CA LEU F 17 47.40 37.61 -22.07
C LEU F 17 45.90 37.49 -22.21
N LEU F 18 45.41 37.63 -23.43
CA LEU F 18 44.03 37.31 -23.77
C LEU F 18 44.05 35.99 -24.52
N ILE F 19 43.66 34.92 -23.81
CA ILE F 19 43.67 33.56 -24.32
C ILE F 19 42.27 33.20 -24.77
N SER F 20 42.18 32.25 -25.70
CA SER F 20 40.88 31.74 -26.13
C SER F 20 41.06 30.30 -26.57
N TRP F 21 39.93 29.58 -26.61
CA TRP F 21 39.92 28.17 -26.94
C TRP F 21 38.69 27.85 -27.78
N ASP F 22 38.66 26.61 -28.30
CA ASP F 22 37.52 26.10 -29.03
C ASP F 22 36.67 25.29 -28.06
N ALA F 23 35.49 25.82 -27.73
CA ALA F 23 34.63 25.15 -26.75
C ALA F 23 34.18 23.78 -27.24
N GLY F 24 33.92 23.64 -28.53
CA GLY F 24 33.44 22.37 -29.07
C GLY F 24 32.01 22.49 -29.60
N HIS F 25 31.29 21.38 -29.62
CA HIS F 25 29.90 21.41 -30.05
C HIS F 25 28.97 21.63 -28.85
N TRP F 26 27.69 21.90 -29.15
CA TRP F 26 26.76 22.30 -28.10
C TRP F 26 26.52 21.19 -27.08
N TRP F 27 26.85 19.94 -27.40
CA TRP F 27 26.81 18.87 -26.42
C TRP F 27 28.17 18.65 -25.75
N GLU F 28 29.18 19.43 -26.12
CA GLU F 28 30.49 19.39 -25.48
C GLU F 28 30.69 20.53 -24.49
N TRP F 29 29.81 21.52 -24.48
CA TRP F 29 29.96 22.65 -23.57
C TRP F 29 29.83 22.21 -22.13
N VAL F 30 30.61 22.86 -21.26
CA VAL F 30 30.62 22.56 -19.84
C VAL F 30 30.17 23.80 -19.08
N THR F 31 29.85 23.60 -17.79
CA THR F 31 29.38 24.70 -16.97
C THR F 31 30.49 25.66 -16.55
N TYR F 32 31.74 25.20 -16.54
CA TYR F 32 32.85 26.04 -16.13
C TYR F 32 34.15 25.46 -16.64
N TYR F 33 35.10 26.34 -16.96
CA TYR F 33 36.49 25.97 -17.18
C TYR F 33 37.33 26.50 -16.03
N ARG F 34 38.49 25.89 -15.81
CA ARG F 34 39.47 26.45 -14.90
C ARG F 34 40.79 26.69 -15.62
N ILE F 35 41.28 27.91 -15.55
CA ILE F 35 42.51 28.33 -16.21
C ILE F 35 43.61 28.42 -15.16
N THR F 36 44.72 27.73 -15.42
CA THR F 36 45.91 27.70 -14.58
C THR F 36 47.05 28.35 -15.35
N TYR F 37 47.84 29.17 -14.67
CA TYR F 37 48.98 29.79 -15.33
C TYR F 37 50.07 30.08 -14.31
N GLY F 38 51.30 29.70 -14.65
CA GLY F 38 52.43 29.95 -13.78
C GLY F 38 53.71 29.98 -14.59
N GLU F 39 54.76 30.52 -13.95
CA GLU F 39 56.06 30.59 -14.59
C GLU F 39 56.52 29.21 -15.03
N THR F 40 56.83 29.07 -16.32
CA THR F 40 57.18 27.76 -16.86
C THR F 40 58.46 27.21 -16.23
N GLY F 41 59.34 28.09 -15.74
CA GLY F 41 60.48 27.64 -14.99
C GLY F 41 60.12 27.13 -13.60
N GLY F 42 58.93 27.46 -13.12
CA GLY F 42 58.47 27.01 -11.83
C GLY F 42 59.10 27.76 -10.68
N ASN F 43 58.86 29.06 -10.60
CA ASN F 43 59.28 29.81 -9.42
C ASN F 43 58.75 29.15 -8.16
N SER F 44 57.45 28.80 -8.17
CA SER F 44 56.87 27.85 -7.22
C SER F 44 55.43 27.48 -7.60
N PRO F 45 54.44 28.37 -7.40
CA PRO F 45 53.05 27.91 -7.50
C PRO F 45 52.49 28.08 -8.89
N VAL F 46 51.18 27.88 -9.03
CA VAL F 46 50.45 28.24 -10.23
C VAL F 46 49.20 29.01 -9.81
N GLN F 47 48.90 30.09 -10.53
CA GLN F 47 47.66 30.80 -10.33
C GLN F 47 46.53 30.08 -11.04
N GLU F 48 45.32 30.22 -10.51
CA GLU F 48 44.17 29.54 -11.09
C GLU F 48 42.92 30.37 -10.86
N PHE F 49 42.17 30.61 -11.94
CA PHE F 49 40.85 31.20 -11.83
C PHE F 49 39.87 30.42 -12.70
N THR F 50 38.60 30.43 -12.31
CA THR F 50 37.57 29.73 -13.07
C THR F 50 36.79 30.72 -13.92
N VAL F 51 36.41 30.28 -15.11
CA VAL F 51 35.68 31.10 -16.07
C VAL F 51 34.39 30.39 -16.41
N PRO F 52 33.26 31.11 -16.53
CA PRO F 52 31.99 30.46 -16.86
C PRO F 52 32.08 29.65 -18.15
N GLY F 53 31.22 28.63 -18.25
CA GLY F 53 31.31 27.68 -19.34
C GLY F 53 30.87 28.22 -20.69
N TYR F 54 30.13 29.32 -20.70
CA TYR F 54 29.70 29.94 -21.95
C TYR F 54 30.69 30.97 -22.46
N SER F 55 31.96 30.86 -22.07
CA SER F 55 33.00 31.79 -22.48
C SER F 55 34.13 31.03 -23.15
N SER F 56 34.51 31.45 -24.35
CA SER F 56 35.65 30.89 -25.03
C SER F 56 36.94 31.64 -24.74
N THR F 57 36.86 32.87 -24.26
CA THR F 57 38.02 33.71 -24.02
C THR F 57 38.18 34.00 -22.53
N ALA F 58 39.42 33.90 -22.06
CA ALA F 58 39.78 34.35 -20.72
C ALA F 58 40.88 35.38 -20.83
N THR F 59 41.00 36.21 -19.79
CA THR F 59 41.99 37.27 -19.74
C THR F 59 42.84 37.08 -18.49
N ILE F 60 44.04 36.56 -18.69
CA ILE F 60 45.03 36.41 -17.64
C ILE F 60 45.77 37.73 -17.50
N SER F 61 45.94 38.19 -16.26
CA SER F 61 46.56 39.49 -16.02
C SER F 61 47.53 39.41 -14.85
N GLY F 62 48.37 40.43 -14.74
CA GLY F 62 49.30 40.53 -13.63
C GLY F 62 50.54 39.68 -13.76
N LEU F 63 51.08 39.55 -14.97
CA LEU F 63 52.23 38.70 -15.23
C LEU F 63 53.51 39.54 -15.29
N LYS F 64 54.61 38.91 -14.91
CA LYS F 64 55.91 39.59 -15.00
C LYS F 64 56.40 39.57 -16.43
N PRO F 65 56.79 40.72 -17.00
CA PRO F 65 57.17 40.76 -18.41
C PRO F 65 58.46 40.00 -18.68
N GLY F 66 58.47 39.29 -19.81
CA GLY F 66 59.63 38.54 -20.24
C GLY F 66 59.69 37.11 -19.76
N VAL F 67 58.85 36.73 -18.80
CA VAL F 67 58.88 35.39 -18.22
C VAL F 67 58.03 34.45 -19.07
N ASP F 68 58.46 33.19 -19.14
CA ASP F 68 57.73 32.16 -19.85
C ASP F 68 56.72 31.52 -18.91
N TYR F 69 55.47 31.44 -19.36
CA TYR F 69 54.36 30.90 -18.58
C TYR F 69 53.75 29.70 -19.29
N THR F 70 53.05 28.90 -18.51
CA THR F 70 52.31 27.73 -19.01
C THR F 70 50.83 27.90 -18.67
N ILE F 71 50.01 28.07 -19.70
CA ILE F 71 48.58 28.32 -19.53
C ILE F 71 47.82 27.05 -19.87
N THR F 72 47.00 26.58 -18.93
CA THR F 72 46.26 25.34 -19.08
C THR F 72 44.79 25.61 -18.85
N VAL F 73 43.95 25.00 -19.68
CA VAL F 73 42.50 25.02 -19.50
C VAL F 73 42.05 23.61 -19.15
N TYR F 74 41.30 23.51 -18.05
CA TYR F 74 40.75 22.27 -17.53
C TYR F 74 39.23 22.29 -17.64
N ALA F 75 38.69 21.18 -18.15
CA ALA F 75 37.28 20.87 -18.05
C ALA F 75 36.92 20.56 -16.60
N PRO F 76 35.62 20.56 -16.26
CA PRO F 76 35.22 20.28 -14.87
C PRO F 76 35.79 18.98 -14.31
N THR F 77 35.66 17.88 -15.05
CA THR F 77 36.18 16.59 -14.63
C THR F 77 37.21 16.09 -15.64
N SER F 78 38.02 15.13 -15.20
CA SER F 78 39.02 14.53 -16.08
C SER F 78 38.40 13.63 -17.13
N ASP F 79 37.08 13.41 -17.09
CA ASP F 79 36.44 12.48 -18.02
C ASP F 79 36.35 13.06 -19.43
N TYR F 80 36.05 14.36 -19.53
CA TYR F 80 35.88 15.01 -20.82
C TYR F 80 37.12 14.85 -21.69
N GLY F 81 38.22 15.44 -21.26
CA GLY F 81 39.47 15.32 -21.99
C GLY F 81 40.61 15.89 -21.19
N SER F 82 41.82 15.52 -21.59
CA SER F 82 43.01 16.05 -20.93
C SER F 82 43.05 17.58 -21.08
N PRO F 83 43.49 18.30 -20.05
CA PRO F 83 43.54 19.75 -20.13
C PRO F 83 44.56 20.20 -21.16
N ILE F 84 44.30 21.35 -21.78
CA ILE F 84 45.15 21.85 -22.86
C ILE F 84 46.09 22.90 -22.30
N SER F 85 47.39 22.72 -22.53
CA SER F 85 48.41 23.59 -21.94
C SER F 85 49.35 24.11 -23.03
N ILE F 86 49.55 25.42 -23.03
CA ILE F 86 50.43 26.11 -23.96
C ILE F 86 51.56 26.76 -23.17
N ASN F 87 52.63 27.08 -23.87
CA ASN F 87 53.71 27.90 -23.36
C ASN F 87 53.70 29.25 -24.07
N TYR F 88 54.04 30.31 -23.34
CA TYR F 88 54.05 31.64 -23.93
C TYR F 88 54.96 32.55 -23.13
N ARG F 89 55.82 33.30 -23.81
CA ARG F 89 56.70 34.26 -23.17
C ARG F 89 56.17 35.67 -23.38
N THR F 90 56.09 36.44 -22.28
CA THR F 90 55.62 37.81 -22.35
C THR F 90 56.73 38.77 -22.76
N PRO G 4 12.83 48.15 11.39
CA PRO G 4 14.06 48.53 12.10
C PRO G 4 13.81 49.60 13.16
N THR G 5 14.86 50.03 13.85
CA THR G 5 14.74 51.02 14.92
C THR G 5 16.06 51.79 15.03
N LYS G 6 15.99 52.93 15.71
CA LYS G 6 17.15 53.69 16.18
C LYS G 6 17.95 54.26 15.01
N LEU G 7 17.33 55.21 14.30
CA LEU G 7 17.97 55.90 13.18
C LEU G 7 18.73 57.10 13.72
N GLU G 8 20.05 56.98 13.80
CA GLU G 8 20.92 58.03 14.29
C GLU G 8 21.90 58.45 13.21
N VAL G 9 22.26 59.73 13.21
CA VAL G 9 23.30 60.25 12.35
C VAL G 9 24.62 60.12 13.10
N VAL G 10 25.36 59.04 12.83
CA VAL G 10 26.60 58.79 13.55
C VAL G 10 27.64 59.86 13.24
N ALA G 11 27.72 60.28 11.98
CA ALA G 11 28.71 61.29 11.60
C ALA G 11 28.12 62.24 10.59
N ALA G 12 28.76 63.40 10.42
CA ALA G 12 28.25 64.40 9.49
C ALA G 12 29.35 65.39 9.10
N THR G 13 29.70 65.38 7.82
CA THR G 13 30.40 66.48 7.16
C THR G 13 29.38 67.36 6.46
N PRO G 14 29.73 68.63 6.17
CA PRO G 14 28.75 69.53 5.53
C PRO G 14 28.01 68.95 4.34
N THR G 15 28.58 67.93 3.68
CA THR G 15 27.96 67.35 2.50
C THR G 15 27.66 65.86 2.63
N SER G 16 27.83 65.28 3.81
CA SER G 16 27.64 63.84 3.94
C SER G 16 27.20 63.47 5.35
N LEU G 17 26.31 62.49 5.43
CA LEU G 17 25.85 61.94 6.69
C LEU G 17 26.23 60.47 6.76
N LEU G 18 26.55 60.00 7.95
CA LEU G 18 26.75 58.58 8.22
C LEU G 18 25.70 58.16 9.24
N ILE G 19 24.73 57.39 8.78
CA ILE G 19 23.57 57.00 9.56
C ILE G 19 23.68 55.52 9.93
N SER G 20 22.93 55.14 10.95
CA SER G 20 22.94 53.75 11.41
C SER G 20 21.58 53.43 12.01
N TRP G 21 21.39 52.15 12.34
CA TRP G 21 20.17 51.68 12.95
C TRP G 21 20.45 50.36 13.66
N ASP G 22 19.47 49.90 14.43
CA ASP G 22 19.54 48.60 15.09
C ASP G 22 18.78 47.60 14.22
N ALA G 23 19.51 46.67 13.62
CA ALA G 23 18.93 45.64 12.75
C ALA G 23 18.11 44.63 13.52
N GLY G 24 17.79 44.87 14.79
CA GLY G 24 17.23 43.81 15.60
C GLY G 24 18.31 42.79 15.88
N HIS G 25 17.87 41.59 16.24
CA HIS G 25 18.80 40.48 16.48
C HIS G 25 18.20 39.21 15.91
N TRP G 26 18.96 38.55 15.03
CA TRP G 26 18.67 37.17 14.63
C TRP G 26 17.39 37.06 13.82
N TRP G 27 16.26 36.80 14.49
CA TRP G 27 15.00 36.56 13.81
C TRP G 27 14.41 37.81 13.17
N GLU G 28 14.93 38.99 13.48
CA GLU G 28 14.46 40.23 12.90
C GLU G 28 15.34 40.73 11.76
N TRP G 29 16.54 40.16 11.59
CA TRP G 29 17.42 40.52 10.50
C TRP G 29 16.74 40.26 9.16
N VAL G 30 16.44 41.33 8.42
CA VAL G 30 15.82 41.19 7.10
C VAL G 30 16.92 41.06 6.06
N THR G 31 16.54 40.76 4.81
CA THR G 31 17.53 40.59 3.76
C THR G 31 18.11 41.93 3.29
N TYR G 32 17.37 43.03 3.45
CA TYR G 32 17.85 44.33 2.97
C TYR G 32 17.03 45.43 3.62
N TYR G 33 17.62 46.64 3.62
CA TYR G 33 16.95 47.87 3.97
C TYR G 33 17.04 48.84 2.80
N ARG G 34 16.18 49.84 2.79
CA ARG G 34 16.14 50.84 1.73
C ARG G 34 16.21 52.24 2.34
N ILE G 35 17.32 52.93 2.12
CA ILE G 35 17.52 54.26 2.68
C ILE G 35 17.09 55.30 1.64
N THR G 36 16.25 56.23 2.06
CA THR G 36 15.84 57.35 1.23
C THR G 36 16.16 58.65 1.95
N TYR G 37 16.72 59.61 1.21
CA TYR G 37 17.09 60.89 1.76
C TYR G 37 16.71 62.00 0.79
N GLY G 38 16.12 63.06 1.32
CA GLY G 38 15.75 64.18 0.47
C GLY G 38 15.58 65.45 1.26
N GLU G 39 15.66 66.57 0.54
CA GLU G 39 15.45 67.87 1.17
C GLU G 39 14.06 67.92 1.81
N THR G 40 14.03 68.24 3.10
CA THR G 40 12.80 68.23 3.89
C THR G 40 11.70 69.08 3.28
N PRO G 45 12.53 65.91 -6.08
CA PRO G 45 12.68 64.45 -6.18
C PRO G 45 13.59 63.87 -5.10
N VAL G 46 13.09 62.85 -4.41
CA VAL G 46 13.88 62.23 -3.34
C VAL G 46 15.02 61.43 -3.94
N GLN G 47 16.00 61.13 -3.09
CA GLN G 47 17.09 60.23 -3.43
C GLN G 47 16.94 58.95 -2.61
N GLU G 48 17.57 57.87 -3.08
CA GLU G 48 17.40 56.59 -2.41
C GLU G 48 18.45 55.60 -2.89
N PHE G 49 18.75 54.63 -2.03
CA PHE G 49 19.58 53.48 -2.32
C PHE G 49 19.15 52.36 -1.37
N THR G 50 19.86 51.23 -1.42
CA THR G 50 19.50 50.11 -0.57
C THR G 50 20.76 49.39 -0.12
N VAL G 51 20.67 48.76 1.05
CA VAL G 51 21.81 48.03 1.62
C VAL G 51 21.35 46.64 2.02
N PRO G 52 22.25 45.65 2.07
CA PRO G 52 21.86 44.33 2.56
C PRO G 52 21.58 44.35 4.05
N GLY G 53 20.73 43.42 4.48
CA GLY G 53 20.16 43.47 5.81
C GLY G 53 21.12 43.16 6.93
N TYR G 54 22.24 42.51 6.65
CA TYR G 54 23.19 42.21 7.72
C TYR G 54 23.90 43.48 8.20
N SER G 55 24.10 44.44 7.31
CA SER G 55 24.73 45.70 7.70
C SER G 55 23.69 46.64 8.29
N SER G 56 24.11 47.39 9.31
CA SER G 56 23.21 48.28 10.03
C SER G 56 23.55 49.75 9.85
N THR G 57 24.48 50.08 8.96
CA THR G 57 24.92 51.45 8.74
C THR G 57 24.81 51.79 7.27
N ALA G 58 24.89 53.09 6.97
CA ALA G 58 24.80 53.56 5.60
C ALA G 58 25.36 54.97 5.50
N THR G 59 26.08 55.25 4.41
CA THR G 59 26.66 56.55 4.14
C THR G 59 25.88 57.24 3.03
N ILE G 60 25.38 58.44 3.33
CA ILE G 60 24.72 59.30 2.36
C ILE G 60 25.68 60.43 2.02
N SER G 61 25.86 60.70 0.73
CA SER G 61 26.84 61.66 0.28
C SER G 61 26.24 62.62 -0.74
N GLY G 62 26.96 63.70 -0.98
CA GLY G 62 26.57 64.66 -2.01
C GLY G 62 25.39 65.54 -1.65
N LEU G 63 25.28 65.96 -0.40
CA LEU G 63 24.16 66.78 0.05
C LEU G 63 24.52 68.26 -0.04
N LYS G 64 23.52 69.07 -0.38
CA LYS G 64 23.71 70.51 -0.38
C LYS G 64 23.94 70.98 1.05
N PRO G 65 25.07 71.62 1.35
CA PRO G 65 25.38 71.97 2.74
C PRO G 65 24.44 73.05 3.25
N GLY G 66 23.93 72.85 4.47
CA GLY G 66 23.06 73.81 5.12
C GLY G 66 21.59 73.55 4.96
N VAL G 67 21.19 72.60 4.12
CA VAL G 67 19.80 72.29 3.88
C VAL G 67 19.31 71.28 4.90
N ASP G 68 18.06 71.44 5.34
CA ASP G 68 17.44 70.47 6.24
C ASP G 68 16.96 69.29 5.41
N TYR G 69 17.63 68.15 5.55
CA TYR G 69 17.28 66.91 4.89
C TYR G 69 16.47 66.03 5.83
N THR G 70 15.79 65.05 5.24
CA THR G 70 15.08 64.01 5.97
C THR G 70 15.50 62.66 5.40
N ILE G 71 15.74 61.71 6.30
CA ILE G 71 16.26 60.40 5.96
C ILE G 71 15.34 59.35 6.58
N THR G 72 14.83 58.43 5.76
CA THR G 72 13.99 57.33 6.21
C THR G 72 14.62 56.01 5.78
N VAL G 73 14.57 55.03 6.67
CA VAL G 73 15.09 53.70 6.40
C VAL G 73 13.92 52.72 6.40
N TYR G 74 13.75 52.02 5.29
CA TYR G 74 12.62 51.13 5.04
C TYR G 74 13.03 49.66 5.18
N ALA G 75 12.09 48.88 5.69
CA ALA G 75 12.14 47.42 5.70
C ALA G 75 11.80 46.90 4.31
N PRO G 76 12.06 45.61 4.04
CA PRO G 76 11.69 45.06 2.71
C PRO G 76 10.20 45.20 2.41
N THR G 77 9.34 44.93 3.38
CA THR G 77 7.90 45.10 3.20
C THR G 77 7.34 46.05 4.25
N SER G 78 6.09 45.82 4.65
CA SER G 78 5.41 46.67 5.62
C SER G 78 5.14 45.97 6.94
N ASP G 79 5.66 44.75 7.12
CA ASP G 79 5.24 43.91 8.24
C ASP G 79 6.40 43.64 9.20
N TYR G 80 6.92 44.68 9.85
CA TYR G 80 8.01 44.48 10.80
C TYR G 80 7.90 45.45 11.98
N GLY G 81 8.53 46.61 11.88
CA GLY G 81 8.55 47.53 13.00
C GLY G 81 8.28 48.98 12.63
N SER G 82 7.52 49.20 11.55
CA SER G 82 7.13 50.52 11.05
C SER G 82 8.33 51.29 10.52
N PRO G 83 8.14 52.14 9.51
CA PRO G 83 9.28 52.91 8.98
C PRO G 83 9.88 53.83 10.03
N ILE G 84 11.17 54.10 9.88
CA ILE G 84 11.91 55.00 10.76
C ILE G 84 12.41 56.16 9.93
N SER G 85 12.32 57.37 10.49
CA SER G 85 12.71 58.57 9.77
C SER G 85 13.16 59.65 10.75
N ILE G 86 14.14 60.44 10.33
CA ILE G 86 14.65 61.55 11.12
C ILE G 86 14.90 62.74 10.21
N ASN G 87 14.94 63.93 10.81
CA ASN G 87 15.34 65.15 10.14
C ASN G 87 16.69 65.61 10.67
N TYR G 88 17.43 66.33 9.82
CA TYR G 88 18.80 66.68 10.15
C TYR G 88 19.26 67.82 9.25
N ARG G 89 19.94 68.81 9.83
CA ARG G 89 20.50 69.91 9.07
C ARG G 89 22.00 69.71 8.91
N THR G 90 22.47 69.68 7.68
CA THR G 90 23.89 69.48 7.39
C THR G 90 24.72 70.66 7.87
N PRO H 4 -41.43 -26.85 -11.40
CA PRO H 4 -41.44 -28.07 -12.22
C PRO H 4 -42.58 -28.09 -13.23
N THR H 5 -42.76 -29.21 -13.93
CA THR H 5 -43.84 -29.38 -14.89
C THR H 5 -44.18 -30.86 -15.00
N LYS H 6 -45.25 -31.15 -15.73
CA LYS H 6 -45.62 -32.51 -16.15
C LYS H 6 -45.89 -33.41 -14.95
N LEU H 7 -46.85 -33.00 -14.13
CA LEU H 7 -47.28 -33.83 -13.01
C LEU H 7 -48.19 -34.92 -13.55
N GLU H 8 -47.63 -36.11 -13.73
CA GLU H 8 -48.36 -37.26 -14.24
C GLU H 8 -48.51 -38.30 -13.14
N VAL H 9 -49.70 -38.92 -13.07
CA VAL H 9 -49.89 -40.10 -12.24
C VAL H 9 -49.34 -41.29 -13.03
N VAL H 10 -48.13 -41.73 -12.69
CA VAL H 10 -47.50 -42.83 -13.42
C VAL H 10 -48.27 -44.13 -13.19
N ALA H 11 -48.62 -44.41 -11.93
CA ALA H 11 -49.31 -45.65 -11.62
C ALA H 11 -50.35 -45.38 -10.55
N ALA H 12 -51.26 -46.34 -10.37
CA ALA H 12 -52.32 -46.19 -9.38
C ALA H 12 -52.88 -47.55 -9.00
N THR H 13 -52.81 -47.89 -7.72
CA THR H 13 -53.59 -48.99 -7.18
C THR H 13 -54.86 -48.36 -6.60
N PRO H 14 -55.83 -49.15 -6.12
CA PRO H 14 -56.99 -48.52 -5.45
C PRO H 14 -56.61 -47.61 -4.30
N THR H 15 -55.45 -47.80 -3.67
CA THR H 15 -55.11 -47.08 -2.45
C THR H 15 -53.81 -46.27 -2.55
N SER H 16 -53.28 -46.05 -3.76
CA SER H 16 -52.03 -45.31 -3.86
C SER H 16 -51.82 -44.81 -5.29
N LEU H 17 -51.08 -43.71 -5.41
CA LEU H 17 -50.73 -43.10 -6.68
C LEU H 17 -49.21 -42.90 -6.75
N LEU H 18 -48.60 -43.33 -7.84
CA LEU H 18 -47.20 -43.04 -8.12
C LEU H 18 -47.14 -41.93 -9.16
N ILE H 19 -46.56 -40.78 -8.78
CA ILE H 19 -46.54 -39.57 -9.58
C ILE H 19 -45.11 -39.26 -10.00
N SER H 20 -44.99 -38.44 -11.03
CA SER H 20 -43.69 -37.99 -11.51
C SER H 20 -43.83 -36.59 -12.10
N TRP H 21 -42.68 -35.97 -12.38
CA TRP H 21 -42.64 -34.64 -12.95
C TRP H 21 -41.29 -34.45 -13.62
N ASP H 22 -41.19 -33.40 -14.44
CA ASP H 22 -39.95 -33.07 -15.13
C ASP H 22 -39.15 -32.12 -14.25
N ALA H 23 -37.96 -32.55 -13.85
CA ALA H 23 -37.12 -31.77 -12.94
C ALA H 23 -36.39 -30.62 -13.62
N GLY H 24 -36.59 -30.43 -14.92
CA GLY H 24 -35.76 -29.48 -15.64
C GLY H 24 -34.42 -30.11 -16.00
N HIS H 25 -33.41 -29.26 -16.13
CA HIS H 25 -32.07 -29.76 -16.44
C HIS H 25 -31.02 -28.82 -15.87
N TRP H 26 -30.08 -29.38 -15.12
CA TRP H 26 -28.87 -28.69 -14.70
C TRP H 26 -29.18 -27.45 -13.86
N TRP H 27 -29.27 -26.30 -14.51
CA TRP H 27 -29.49 -25.02 -13.83
C TRP H 27 -30.93 -24.86 -13.33
N GLU H 28 -31.79 -25.87 -13.49
CA GLU H 28 -33.16 -25.79 -13.01
C GLU H 28 -33.45 -26.71 -11.83
N TRP H 29 -32.61 -27.71 -11.59
CA TRP H 29 -32.82 -28.63 -10.47
C TRP H 29 -32.76 -27.85 -9.15
N VAL H 30 -33.86 -27.87 -8.42
CA VAL H 30 -33.90 -27.26 -7.08
C VAL H 30 -33.46 -28.30 -6.07
N THR H 31 -33.34 -27.90 -4.81
CA THR H 31 -32.88 -28.82 -3.77
C THR H 31 -33.99 -29.76 -3.28
N TYR H 32 -35.26 -29.42 -3.48
CA TYR H 32 -36.34 -30.25 -2.97
C TYR H 32 -37.64 -29.85 -3.63
N TYR H 33 -38.54 -30.82 -3.75
CA TYR H 33 -39.93 -30.59 -4.11
C TYR H 33 -40.83 -30.99 -2.95
N ARG H 34 -42.01 -30.37 -2.88
CA ARG H 34 -42.97 -30.67 -1.82
C ARG H 34 -44.26 -31.15 -2.43
N ILE H 35 -44.62 -32.41 -2.17
CA ILE H 35 -45.83 -33.00 -2.72
C ILE H 35 -46.94 -32.91 -1.67
N THR H 36 -48.10 -32.42 -2.09
CA THR H 36 -49.27 -32.41 -1.23
C THR H 36 -50.41 -33.10 -1.96
N TYR H 37 -51.18 -33.90 -1.23
CA TYR H 37 -52.28 -34.64 -1.82
C TYR H 37 -53.46 -34.63 -0.87
N GLY H 38 -54.65 -34.42 -1.42
CA GLY H 38 -55.83 -34.44 -0.58
C GLY H 38 -57.09 -34.62 -1.40
N GLU H 39 -58.14 -35.07 -0.72
CA GLU H 39 -59.43 -35.22 -1.40
C GLU H 39 -59.83 -33.91 -2.07
N THR H 40 -60.09 -33.98 -3.37
CA THR H 40 -60.47 -32.81 -4.14
C THR H 40 -61.73 -32.18 -3.55
N GLY H 41 -61.56 -31.14 -2.75
CA GLY H 41 -62.68 -30.51 -2.08
C GLY H 41 -63.04 -31.17 -0.77
N GLY H 42 -62.07 -31.26 0.15
CA GLY H 42 -62.28 -31.86 1.44
C GLY H 42 -62.57 -30.82 2.51
N ASN H 43 -62.66 -31.31 3.75
CA ASN H 43 -62.87 -30.44 4.90
C ASN H 43 -61.81 -30.60 5.98
N SER H 44 -61.01 -31.65 5.94
CA SER H 44 -60.00 -31.96 6.93
C SER H 44 -58.61 -31.61 6.41
N PRO H 45 -57.59 -31.63 7.28
CA PRO H 45 -56.24 -31.30 6.82
C PRO H 45 -55.80 -32.14 5.63
N VAL H 46 -55.17 -31.47 4.65
CA VAL H 46 -54.57 -32.14 3.51
C VAL H 46 -53.37 -32.96 3.97
N GLN H 47 -52.93 -33.87 3.10
CA GLN H 47 -51.71 -34.62 3.36
C GLN H 47 -50.55 -34.02 2.56
N GLU H 48 -49.33 -34.31 3.00
CA GLU H 48 -48.16 -33.75 2.33
C GLU H 48 -46.90 -34.44 2.81
N PHE H 49 -45.88 -34.41 1.95
CA PHE H 49 -44.54 -34.86 2.25
C PHE H 49 -43.59 -34.09 1.33
N THR H 50 -42.30 -34.41 1.41
CA THR H 50 -41.32 -33.70 0.62
C THR H 50 -40.23 -34.66 0.15
N VAL H 51 -39.78 -34.46 -1.09
CA VAL H 51 -38.72 -35.29 -1.67
C VAL H 51 -37.53 -34.40 -2.04
N PRO H 52 -36.32 -34.94 -2.05
CA PRO H 52 -35.16 -34.15 -2.48
C PRO H 52 -35.24 -33.81 -3.96
N GLY H 53 -34.49 -32.78 -4.34
CA GLY H 53 -34.61 -32.21 -5.66
C GLY H 53 -34.11 -33.10 -6.79
N TYR H 54 -33.21 -34.04 -6.50
CA TYR H 54 -32.68 -34.87 -7.57
C TYR H 54 -33.70 -35.89 -8.07
N SER H 55 -34.66 -36.26 -7.22
CA SER H 55 -35.69 -37.21 -7.63
C SER H 55 -36.79 -36.50 -8.39
N SER H 56 -37.30 -37.17 -9.43
CA SER H 56 -38.40 -36.64 -10.24
C SER H 56 -39.72 -37.35 -10.00
N THR H 57 -39.74 -38.41 -9.20
CA THR H 57 -40.95 -39.17 -8.91
C THR H 57 -41.24 -39.14 -7.42
N ALA H 58 -42.44 -39.60 -7.05
CA ALA H 58 -42.85 -39.67 -5.66
C ALA H 58 -44.05 -40.60 -5.53
N THR H 59 -44.09 -41.33 -4.41
CA THR H 59 -45.16 -42.28 -4.14
C THR H 59 -46.07 -41.72 -3.04
N ILE H 60 -47.36 -41.66 -3.34
CA ILE H 60 -48.40 -41.26 -2.40
C ILE H 60 -49.19 -42.51 -2.04
N SER H 61 -49.36 -42.76 -0.74
CA SER H 61 -49.96 -44.00 -0.28
C SER H 61 -50.98 -43.71 0.82
N GLY H 62 -51.86 -44.67 1.05
CA GLY H 62 -52.85 -44.57 2.10
C GLY H 62 -54.09 -43.80 1.73
N LEU H 63 -54.60 -43.95 0.52
CA LEU H 63 -55.74 -43.20 0.04
C LEU H 63 -57.02 -44.02 0.11
N LYS H 64 -58.13 -43.33 0.30
CA LYS H 64 -59.44 -43.98 0.29
C LYS H 64 -59.79 -44.39 -1.13
N PRO H 65 -60.03 -45.67 -1.40
CA PRO H 65 -60.26 -46.10 -2.79
C PRO H 65 -61.58 -45.57 -3.33
N GLY H 66 -61.54 -45.11 -4.59
CA GLY H 66 -62.72 -44.57 -5.25
C GLY H 66 -62.94 -43.09 -5.05
N VAL H 67 -62.04 -42.41 -4.33
CA VAL H 67 -62.17 -40.98 -4.05
C VAL H 67 -61.28 -40.21 -5.02
N ASP H 68 -61.77 -39.05 -5.46
CA ASP H 68 -61.01 -38.18 -6.34
C ASP H 68 -60.08 -37.30 -5.50
N TYR H 69 -58.78 -37.49 -5.66
CA TYR H 69 -57.76 -36.72 -4.97
C TYR H 69 -57.12 -35.72 -5.92
N THR H 70 -56.62 -34.63 -5.36
CA THR H 70 -55.80 -33.69 -6.09
C THR H 70 -54.39 -33.70 -5.52
N ILE H 71 -53.41 -33.62 -6.43
CA ILE H 71 -52.00 -33.66 -6.10
C ILE H 71 -51.35 -32.38 -6.62
N THR H 72 -50.53 -31.76 -5.77
CA THR H 72 -49.81 -30.53 -6.11
C THR H 72 -48.35 -30.71 -5.76
N VAL H 73 -47.47 -30.49 -6.74
CA VAL H 73 -46.03 -30.56 -6.53
C VAL H 73 -45.47 -29.15 -6.56
N TYR H 74 -44.91 -28.73 -5.43
CA TYR H 74 -44.48 -27.36 -5.19
C TYR H 74 -42.95 -27.25 -5.23
N ALA H 75 -42.50 -26.10 -5.71
CA ALA H 75 -41.10 -25.71 -5.75
C ALA H 75 -40.70 -25.12 -4.40
N PRO H 76 -39.39 -24.97 -4.14
CA PRO H 76 -38.99 -24.36 -2.85
C PRO H 76 -39.57 -22.98 -2.63
N THR H 77 -39.47 -22.09 -3.63
CA THR H 77 -40.08 -20.77 -3.57
C THR H 77 -41.02 -20.60 -4.76
N SER H 78 -41.53 -19.39 -4.93
CA SER H 78 -42.42 -19.07 -6.03
C SER H 78 -41.68 -18.64 -7.29
N ASP H 79 -40.38 -18.37 -7.20
CA ASP H 79 -39.63 -17.79 -8.30
C ASP H 79 -39.10 -18.86 -9.27
N TYR H 80 -39.99 -19.73 -9.76
CA TYR H 80 -39.55 -20.77 -10.68
C TYR H 80 -40.54 -21.02 -11.80
N GLY H 81 -41.46 -21.96 -11.62
CA GLY H 81 -42.34 -22.35 -12.71
C GLY H 81 -43.79 -22.56 -12.35
N SER H 82 -44.24 -21.95 -11.25
CA SER H 82 -45.63 -21.98 -10.77
C SER H 82 -46.01 -23.40 -10.31
N PRO H 83 -46.95 -23.53 -9.37
CA PRO H 83 -47.33 -24.87 -8.91
C PRO H 83 -47.91 -25.72 -10.05
N ILE H 84 -47.69 -27.02 -9.94
CA ILE H 84 -48.22 -27.99 -10.89
C ILE H 84 -49.17 -28.91 -10.13
N SER H 85 -50.44 -28.91 -10.54
CA SER H 85 -51.49 -29.65 -9.86
C SER H 85 -52.28 -30.48 -10.87
N ILE H 86 -52.75 -31.65 -10.41
CA ILE H 86 -53.62 -32.51 -11.20
C ILE H 86 -54.68 -33.11 -10.30
N ASN H 87 -55.74 -33.62 -10.94
CA ASN H 87 -56.79 -34.36 -10.27
C ASN H 87 -56.82 -35.79 -10.79
N TYR H 88 -57.27 -36.70 -9.94
CA TYR H 88 -57.18 -38.13 -10.24
C TYR H 88 -58.01 -38.94 -9.25
N ARG H 89 -58.93 -39.76 -9.75
CA ARG H 89 -59.75 -40.61 -8.89
C ARG H 89 -59.18 -42.01 -8.86
N THR H 90 -59.08 -42.58 -7.66
CA THR H 90 -58.56 -43.93 -7.50
C THR H 90 -59.61 -44.97 -7.92
C10 16A I . -20.57 -19.23 8.59
C11 16A I . -19.25 -18.97 7.89
C12 16A I . -19.28 -17.76 6.98
C13 16A I . -18.07 -17.63 6.08
C14 16A I . -16.80 -17.19 6.77
C15 16A I . -16.43 -15.74 6.51
C16 16A I . -14.94 -15.66 6.21
N1 16A I . -14.47 -14.39 5.51
C17 16A I . -13.11 -14.63 4.93
C18 16A I . -14.39 -13.26 6.48
C19 16A I . -15.42 -14.04 4.41
C3 16A J . -16.22 -29.14 8.27
C4 16A J . -14.79 -29.64 8.35
C5 16A J . -14.67 -31.15 8.54
C6 16A J . -13.25 -31.63 8.78
C7 16A J . -13.12 -33.12 9.07
C8 16A J . -11.74 -33.52 9.53
C9 16A J . -11.57 -35.01 9.80
C10 16A J . -10.19 -35.39 10.32
C11 16A J . -9.05 -34.81 9.49
C12 16A J . -7.66 -35.07 10.04
C13 16A J . -7.11 -36.45 9.75
C14 16A J . -5.62 -36.59 10.04
C15 16A J . -5.03 -37.96 9.72
C16 16A J . -3.54 -37.94 9.98
N1 16A J . -2.83 -39.26 9.80
C17 16A J . -3.32 -40.24 10.81
C18 16A J . -1.36 -39.07 10.00
C19 16A J . -3.07 -39.80 8.42
C11 16A K . 12.50 24.31 -7.65
C12 16A K . 11.22 24.10 -6.84
C13 16A K . 10.68 22.68 -6.86
C14 16A K . 11.45 21.70 -5.99
C15 16A K . 10.58 20.69 -5.23
C16 16A K . 10.06 19.56 -6.12
N1 16A K . 9.27 18.46 -5.41
C17 16A K . 8.53 17.65 -6.42
C18 16A K . 10.16 17.57 -4.62
C19 16A K . 8.28 19.10 -4.48
C3 16A L . 22.15 24.53 -8.24
C4 16A L . 23.40 23.86 -7.70
C5 16A L . 24.60 23.96 -8.64
C6 16A L . 25.83 23.18 -8.16
C7 16A L . 26.97 23.17 -9.17
C8 16A L . 28.14 22.26 -8.80
C9 16A L . 29.21 22.15 -9.89
C10 16A L . 30.40 21.25 -9.55
C11 16A L . 30.07 19.77 -9.45
C12 16A L . 31.05 18.83 -10.16
C13 16A L . 32.26 18.40 -9.34
C14 16A L . 33.04 17.25 -9.98
C15 16A L . 34.33 16.89 -9.26
C16 16A L . 34.96 15.65 -9.89
N1 16A L . 36.37 15.32 -9.45
C17 16A L . 37.36 16.22 -10.14
C18 16A L . 36.69 13.90 -9.80
C19 16A L . 36.51 15.50 -7.97
#